data_2X3T
#
_entry.id   2X3T
#
_cell.length_a   44.640
_cell.length_b   93.210
_cell.length_c   92.500
_cell.angle_alpha   90.00
_cell.angle_beta   98.32
_cell.angle_gamma   90.00
#
_symmetry.space_group_name_H-M   'P 1 21 1'
#
loop_
_entity.id
_entity.type
_entity.pdbx_description
1 polymer 'AGGLUTININ ISOLECTIN 1'
2 polymer GLYCOPEPTIDE
3 non-polymer 2-acetamido-1-O-carbamoyl-2-deoxy-alpha-D-glucopyranose
4 non-polymer 'D-ALPHA-AMINOBUTYRIC ACID'
5 non-polymer GLYCEROL
6 water water
#
loop_
_entity_poly.entity_id
_entity_poly.type
_entity_poly.pdbx_seq_one_letter_code
_entity_poly.pdbx_strand_id
1 'polypeptide(L)'
;(PCA)RCGEQGSNMECPNNLCCSQYGYCGMGGDYCGKGCQNGACWTSKRCGSQAGGATCTNNQCCSQYGYCGFGAEYCGA
GCQGGPCRADIKCGSQAGGKLCPNNLCCSQWGFCGLGSEFCGGGCQSGACSTDKPCGKDAGGRVCTNNYCCSKWGSCGIG
PGYCGAGCQSGGCDG
;
A,B,C,D
2 'polypeptide(L)' K(DBB)(DVA)(DBB)(DBB)(DVA)(DBB)E(BAL) E,M
#
loop_
_chem_comp.id
_chem_comp.type
_chem_comp.name
_chem_comp.formula
BAL peptide-like BETA-ALANINE 'C3 H7 N O2'
GOL non-polymer GLYCEROL 'C3 H8 O3'
GYV D-saccharide 2-acetamido-1-O-carbamoyl-2-deoxy-alpha-D-glucopyranose 'C9 H16 N2 O7'
#
# COMPACT_ATOMS: atom_id res chain seq x y z
N PCA A 1 25.66 1.11 8.44
CA PCA A 1 25.55 -0.26 7.97
CB PCA A 1 25.20 -0.30 6.49
CG PCA A 1 25.36 1.11 5.97
CD PCA A 1 25.67 1.90 7.21
OE PCA A 1 25.91 3.10 7.17
C PCA A 1 26.83 -1.04 8.23
O PCA A 1 26.97 -2.19 7.79
N ARG A 2 27.79 -0.40 8.91
CA ARG A 2 29.01 -1.07 9.32
C ARG A 2 28.87 -1.52 10.77
N CYS A 3 29.67 -2.50 11.18
CA CYS A 3 29.58 -3.03 12.54
C CYS A 3 30.94 -3.11 13.24
N GLY A 4 30.90 -3.28 14.56
CA GLY A 4 32.10 -3.41 15.35
C GLY A 4 32.91 -2.13 15.42
N GLU A 5 34.23 -2.28 15.35
CA GLU A 5 35.14 -1.14 15.44
C GLU A 5 34.74 -0.05 14.46
N GLN A 6 34.37 -0.45 13.24
CA GLN A 6 34.08 0.49 12.17
C GLN A 6 32.63 0.99 12.21
N GLY A 7 31.83 0.45 13.12
CA GLY A 7 30.43 0.81 13.18
C GLY A 7 29.96 1.19 14.57
N SER A 8 30.73 2.01 15.27
CA SER A 8 30.38 2.44 16.62
C SER A 8 30.03 1.25 17.51
N ASN A 9 30.68 0.11 17.26
CA ASN A 9 30.49 -1.10 18.05
C ASN A 9 29.09 -1.70 17.94
N MET A 10 28.42 -1.46 16.83
CA MET A 10 27.10 -2.04 16.61
C MET A 10 27.19 -3.52 16.26
N GLU A 11 26.08 -4.24 16.47
CA GLU A 11 26.06 -5.68 16.29
C GLU A 11 25.08 -6.09 15.20
N CYS A 12 25.43 -7.14 14.46
CA CYS A 12 24.59 -7.63 13.38
C CYS A 12 23.39 -8.36 13.93
N PRO A 13 22.23 -8.20 13.27
CA PRO A 13 21.01 -8.89 13.69
C PRO A 13 21.16 -10.42 13.61
N ASN A 14 20.26 -11.13 14.27
CA ASN A 14 20.20 -12.59 14.19
C ASN A 14 21.56 -13.26 14.35
N ASN A 15 22.36 -12.74 15.28
CA ASN A 15 23.65 -13.32 15.63
C ASN A 15 24.64 -13.43 14.47
N LEU A 16 24.38 -12.71 13.38
CA LEU A 16 25.31 -12.71 12.27
C LEU A 16 26.66 -12.16 12.71
N CYS A 17 27.72 -12.89 12.41
CA CYS A 17 29.07 -12.48 12.76
C CYS A 17 29.39 -11.10 12.20
N CYS A 18 30.40 -10.46 12.78
CA CYS A 18 30.91 -9.21 12.24
C CYS A 18 32.37 -9.39 11.84
N SER A 19 32.63 -9.30 10.54
CA SER A 19 33.98 -9.50 10.03
C SER A 19 34.97 -8.51 10.64
N GLN A 20 36.25 -8.72 10.34
CA GLN A 20 37.30 -7.82 10.82
C GLN A 20 37.31 -6.51 10.06
N TYR A 21 36.32 -6.32 9.20
CA TYR A 21 36.23 -5.10 8.39
C TYR A 21 34.95 -4.33 8.70
N GLY A 22 34.13 -4.90 9.59
CA GLY A 22 32.92 -4.25 10.03
C GLY A 22 31.72 -4.53 9.15
N TYR A 23 31.63 -5.75 8.64
CA TYR A 23 30.50 -6.14 7.80
C TYR A 23 29.82 -7.39 8.35
N CYS A 24 28.49 -7.34 8.41
CA CYS A 24 27.71 -8.47 8.92
C CYS A 24 27.59 -9.58 7.88
N GLY A 25 27.65 -10.83 8.33
CA GLY A 25 27.53 -11.96 7.44
C GLY A 25 27.70 -13.29 8.13
N MET A 26 27.91 -14.35 7.36
CA MET A 26 28.06 -15.69 7.89
C MET A 26 29.16 -16.44 7.14
N GLY A 27 29.79 -17.40 7.81
CA GLY A 27 30.87 -18.16 7.20
C GLY A 27 32.26 -17.69 7.60
N GLY A 28 33.27 -18.46 7.21
CA GLY A 28 34.65 -18.17 7.54
C GLY A 28 35.04 -16.70 7.51
N ASP A 29 34.76 -16.03 6.40
CA ASP A 29 35.12 -14.62 6.23
C ASP A 29 34.57 -13.75 7.34
N TYR A 30 33.50 -14.20 7.97
CA TYR A 30 32.81 -13.40 8.97
C TYR A 30 33.00 -13.89 10.39
N CYS A 31 32.76 -15.18 10.61
CA CYS A 31 32.81 -15.75 11.94
C CYS A 31 34.21 -16.27 12.29
N GLY A 32 35.04 -16.46 11.27
CA GLY A 32 36.38 -16.96 11.46
C GLY A 32 37.32 -15.95 12.07
N LYS A 33 38.57 -15.96 11.62
CA LYS A 33 39.59 -15.04 12.14
C LYS A 33 39.17 -13.59 11.96
N GLY A 34 39.28 -12.82 13.03
CA GLY A 34 38.99 -11.40 12.99
C GLY A 34 37.59 -11.03 13.43
N CYS A 35 36.78 -12.04 13.73
CA CYS A 35 35.39 -11.82 14.13
C CYS A 35 35.31 -10.91 15.36
N GLN A 36 34.58 -9.81 15.22
CA GLN A 36 34.47 -8.84 16.30
C GLN A 36 33.28 -9.12 17.20
N ASN A 37 32.21 -9.67 16.62
CA ASN A 37 31.06 -10.10 17.40
C ASN A 37 30.10 -10.97 16.59
N GLY A 38 28.95 -11.29 17.17
CA GLY A 38 28.04 -12.24 16.58
C GLY A 38 28.44 -13.65 16.95
N ALA A 39 28.07 -14.62 16.12
CA ALA A 39 28.36 -16.02 16.41
C ALA A 39 29.79 -16.40 16.05
N CYS A 40 30.75 -15.62 16.55
CA CYS A 40 32.16 -15.87 16.26
C CYS A 40 32.56 -17.32 16.53
N TRP A 41 33.19 -17.95 15.55
CA TRP A 41 33.60 -19.35 15.67
C TRP A 41 34.44 -19.56 16.93
N THR A 42 35.28 -18.60 17.24
CA THR A 42 36.03 -18.63 18.49
C THR A 42 35.28 -17.79 19.52
N SER A 43 34.65 -18.46 20.48
CA SER A 43 33.87 -17.77 21.50
C SER A 43 34.71 -16.73 22.23
N LYS A 44 34.11 -15.59 22.52
CA LYS A 44 34.79 -14.54 23.26
C LYS A 44 34.80 -14.86 24.75
N ARG A 45 35.80 -14.33 25.46
CA ARG A 45 35.91 -14.57 26.90
C ARG A 45 35.04 -13.60 27.69
N CYS A 46 34.78 -13.94 28.95
CA CYS A 46 33.94 -13.10 29.80
C CYS A 46 34.12 -13.41 31.29
N GLY A 47 33.37 -12.70 32.12
CA GLY A 47 33.32 -12.96 33.55
C GLY A 47 34.62 -12.81 34.31
N SER A 48 34.70 -13.48 35.45
CA SER A 48 35.86 -13.39 36.34
C SER A 48 37.14 -13.80 35.63
N GLN A 49 37.02 -14.69 34.66
CA GLN A 49 38.19 -15.20 33.94
C GLN A 49 38.81 -14.15 33.03
N ALA A 50 38.07 -13.08 32.78
CA ALA A 50 38.52 -12.04 31.86
C ALA A 50 38.13 -10.63 32.33
N GLY A 51 38.74 -10.18 33.43
CA GLY A 51 38.53 -8.84 33.92
C GLY A 51 37.08 -8.42 33.99
N GLY A 52 36.20 -9.38 34.28
CA GLY A 52 34.78 -9.10 34.45
C GLY A 52 34.13 -8.48 33.23
N ALA A 53 34.68 -8.79 32.05
CA ALA A 53 34.13 -8.31 30.80
C ALA A 53 32.82 -9.02 30.48
N THR A 54 31.91 -8.33 29.81
CA THR A 54 30.62 -8.91 29.45
C THR A 54 30.62 -9.40 28.00
N CYS A 55 29.57 -10.12 27.64
CA CYS A 55 29.41 -10.65 26.29
C CYS A 55 28.60 -9.70 25.43
N THR A 56 28.86 -9.70 24.13
CA THR A 56 28.05 -8.94 23.19
C THR A 56 26.87 -9.78 22.74
N ASN A 57 25.93 -9.16 22.05
CA ASN A 57 24.78 -9.86 21.50
C ASN A 57 23.90 -10.47 22.59
N ASN A 58 24.01 -9.94 23.80
CA ASN A 58 23.25 -10.46 24.93
C ASN A 58 23.45 -11.94 25.14
N GLN A 59 24.69 -12.40 24.97
CA GLN A 59 25.03 -13.80 25.19
C GLN A 59 25.27 -14.07 26.67
N CYS A 60 25.06 -15.31 27.08
CA CYS A 60 25.30 -15.70 28.47
C CYS A 60 26.78 -15.99 28.70
N CYS A 61 27.24 -15.68 29.90
CA CYS A 61 28.62 -15.95 30.28
C CYS A 61 28.67 -17.21 31.13
N SER A 62 29.40 -18.21 30.67
CA SER A 62 29.45 -19.50 31.35
C SER A 62 30.20 -19.41 32.68
N GLN A 63 30.24 -20.53 33.39
CA GLN A 63 30.99 -20.61 34.63
C GLN A 63 32.47 -20.80 34.35
N TYR A 64 32.85 -20.56 33.09
CA TYR A 64 34.24 -20.70 32.68
C TYR A 64 34.73 -19.46 31.96
N GLY A 65 33.83 -18.49 31.79
CA GLY A 65 34.18 -17.25 31.13
C GLY A 65 34.15 -17.34 29.61
N TYR A 66 33.07 -17.93 29.09
CA TYR A 66 32.89 -18.08 27.66
C TYR A 66 31.49 -17.67 27.26
N CYS A 67 31.39 -16.85 26.21
CA CYS A 67 30.10 -16.37 25.75
C CYS A 67 29.40 -17.37 24.84
N GLY A 68 28.09 -17.48 24.97
CA GLY A 68 27.31 -18.41 24.17
C GLY A 68 25.86 -18.48 24.59
N PHE A 69 25.17 -19.53 24.16
CA PHE A 69 23.78 -19.77 24.55
C PHE A 69 23.55 -21.25 24.81
N GLY A 70 22.45 -21.56 25.51
CA GLY A 70 22.16 -22.93 25.89
C GLY A 70 22.47 -23.19 27.35
N ALA A 71 21.96 -24.31 27.88
CA ALA A 71 22.13 -24.64 29.30
C ALA A 71 23.57 -24.49 29.75
N GLU A 72 24.51 -24.99 28.96
CA GLU A 72 25.92 -24.92 29.30
C GLU A 72 26.40 -23.50 29.62
N TYR A 73 25.70 -22.51 29.08
CA TYR A 73 26.12 -21.12 29.22
C TYR A 73 25.16 -20.31 30.09
N CYS A 74 23.87 -20.60 29.98
CA CYS A 74 22.85 -19.85 30.71
C CYS A 74 22.39 -20.56 31.98
N GLY A 75 22.84 -21.81 32.16
CA GLY A 75 22.43 -22.60 33.29
C GLY A 75 23.17 -22.27 34.57
N ALA A 76 23.76 -23.29 35.18
CA ALA A 76 24.50 -23.12 36.43
C ALA A 76 25.83 -22.45 36.18
N GLY A 77 26.34 -21.75 37.18
CA GLY A 77 27.62 -21.07 37.10
C GLY A 77 27.59 -19.87 36.18
N CYS A 78 26.44 -19.63 35.55
CA CYS A 78 26.28 -18.52 34.62
C CYS A 78 26.67 -17.20 35.29
N GLN A 79 27.65 -16.51 34.71
CA GLN A 79 28.20 -15.31 35.31
C GLN A 79 27.51 -14.03 34.85
N GLY A 80 26.62 -14.15 33.87
CA GLY A 80 25.95 -12.97 33.35
C GLY A 80 25.22 -13.20 32.03
N GLY A 81 24.48 -12.18 31.61
CA GLY A 81 23.63 -12.29 30.44
C GLY A 81 22.27 -12.81 30.86
N PRO A 82 21.42 -13.16 29.88
CA PRO A 82 20.11 -13.75 30.16
C PRO A 82 20.25 -15.12 30.81
N CYS A 83 20.73 -15.15 32.05
CA CYS A 83 20.91 -16.40 32.77
C CYS A 83 19.57 -17.05 33.09
N ARG A 84 19.59 -18.34 33.38
CA ARG A 84 18.37 -19.06 33.72
C ARG A 84 17.95 -18.79 35.16
N ALA A 85 18.92 -18.87 36.08
CA ALA A 85 18.67 -18.53 37.48
C ALA A 85 18.48 -17.03 37.61
N ASP A 86 17.44 -16.61 38.32
CA ASP A 86 17.15 -15.20 38.51
C ASP A 86 18.40 -14.42 38.91
N ILE A 87 18.50 -13.19 38.42
CA ILE A 87 19.69 -12.37 38.68
C ILE A 87 19.38 -11.21 39.61
N LYS A 88 19.93 -11.28 40.82
CA LYS A 88 19.72 -10.23 41.82
C LYS A 88 20.45 -8.95 41.43
N CYS A 89 19.86 -7.82 41.82
CA CYS A 89 20.45 -6.52 41.52
C CYS A 89 19.82 -5.45 42.41
N GLY A 90 20.43 -4.27 42.41
CA GLY A 90 19.88 -3.11 43.10
C GLY A 90 20.03 -3.13 44.62
N SER A 91 19.07 -2.51 45.28
CA SER A 91 19.09 -2.39 46.73
C SER A 91 19.08 -3.74 47.43
N GLN A 92 18.51 -4.74 46.77
CA GLN A 92 18.40 -6.08 47.34
C GLN A 92 19.63 -6.93 47.04
N ALA A 93 20.58 -6.34 46.32
CA ALA A 93 21.82 -7.06 45.98
C ALA A 93 23.05 -6.20 46.21
N GLY A 94 22.96 -5.31 47.20
CA GLY A 94 24.09 -4.48 47.59
C GLY A 94 24.48 -3.42 46.57
N GLY A 95 23.48 -2.85 45.90
CA GLY A 95 23.72 -1.79 44.92
C GLY A 95 24.25 -2.33 43.61
N LYS A 96 24.34 -3.65 43.52
CA LYS A 96 24.81 -4.32 42.32
C LYS A 96 24.02 -3.84 41.10
N LEU A 97 24.68 -3.84 39.94
CA LEU A 97 24.03 -3.39 38.70
C LEU A 97 23.74 -4.53 37.74
N CYS A 98 22.76 -4.32 36.87
CA CYS A 98 22.46 -5.27 35.80
C CYS A 98 23.41 -5.03 34.64
N PRO A 99 23.99 -6.11 34.08
CA PRO A 99 24.85 -6.02 32.91
C PRO A 99 24.08 -5.57 31.68
N ASN A 100 24.78 -5.04 30.69
CA ASN A 100 24.16 -4.67 29.42
C ASN A 100 22.95 -3.74 29.59
N ASN A 101 22.98 -2.90 30.61
CA ASN A 101 21.95 -1.88 30.81
C ASN A 101 20.56 -2.41 31.13
N LEU A 102 20.46 -3.71 31.43
CA LEU A 102 19.17 -4.29 31.79
C LEU A 102 18.54 -3.55 32.97
N CYS A 103 17.21 -3.53 33.01
CA CYS A 103 16.49 -2.85 34.08
C CYS A 103 16.50 -3.66 35.36
N CYS A 104 16.65 -2.96 36.48
CA CYS A 104 16.54 -3.59 37.78
C CYS A 104 15.20 -3.22 38.41
N SER A 105 14.30 -4.20 38.51
CA SER A 105 12.94 -3.95 38.97
C SER A 105 12.85 -3.59 40.45
N GLN A 106 11.64 -3.26 40.88
CA GLN A 106 11.35 -2.96 42.28
C GLN A 106 11.82 -4.08 43.19
N TRP A 107 11.52 -5.31 42.79
CA TRP A 107 11.85 -6.47 43.61
C TRP A 107 13.33 -6.81 43.49
N GLY A 108 14.04 -6.00 42.71
CA GLY A 108 15.49 -6.12 42.60
C GLY A 108 15.94 -7.28 41.74
N PHE A 109 15.42 -7.34 40.52
CA PHE A 109 15.86 -8.35 39.55
C PHE A 109 16.14 -7.71 38.20
N CYS A 110 17.12 -8.26 37.48
CA CYS A 110 17.48 -7.78 36.15
C CYS A 110 16.54 -8.34 35.08
N GLY A 111 16.11 -7.46 34.17
CA GLY A 111 15.25 -7.86 33.07
C GLY A 111 14.89 -6.72 32.14
N LEU A 112 14.00 -6.99 31.18
CA LEU A 112 13.53 -5.98 30.24
C LEU A 112 12.02 -6.06 30.03
N GLY A 113 11.37 -4.90 30.05
CA GLY A 113 9.92 -4.83 29.93
C GLY A 113 9.31 -3.93 30.99
N SER A 114 7.99 -3.75 30.93
CA SER A 114 7.31 -2.88 31.88
C SER A 114 7.51 -3.33 33.32
N GLU A 115 7.50 -4.65 33.52
CA GLU A 115 7.65 -5.21 34.86
C GLU A 115 9.02 -4.90 35.42
N PHE A 116 9.94 -4.47 34.56
CA PHE A 116 11.32 -4.22 34.97
C PHE A 116 11.71 -2.75 34.84
N CYS A 117 11.56 -2.19 33.65
CA CYS A 117 11.97 -0.81 33.40
C CYS A 117 10.94 0.19 33.89
N GLY A 118 9.88 -0.29 34.51
CA GLY A 118 8.80 0.58 34.96
C GLY A 118 8.61 0.57 36.46
N GLY A 119 7.69 1.40 36.93
CA GLY A 119 7.39 1.50 38.34
C GLY A 119 8.60 1.88 39.15
N GLY A 120 8.87 1.10 40.19
CA GLY A 120 10.02 1.35 41.04
C GLY A 120 11.30 0.80 40.45
N CYS A 121 11.61 1.22 39.23
CA CYS A 121 12.83 0.79 38.57
C CYS A 121 14.02 1.48 39.22
N GLN A 122 14.88 0.68 39.85
CA GLN A 122 16.03 1.20 40.56
C GLN A 122 17.07 1.74 39.59
N SER A 123 17.61 0.87 38.74
CA SER A 123 18.60 1.28 37.75
C SER A 123 18.30 0.61 36.40
N GLY A 124 19.17 0.86 35.43
CA GLY A 124 19.05 0.24 34.13
C GLY A 124 18.34 1.10 33.10
N ALA A 125 17.75 0.45 32.11
CA ALA A 125 17.08 1.14 31.01
C ALA A 125 15.63 1.47 31.35
N CYS A 126 15.41 2.01 32.55
CA CYS A 126 14.08 2.34 33.01
C CYS A 126 13.37 3.26 32.03
N SER A 127 12.04 3.18 31.99
CA SER A 127 11.25 4.01 31.08
C SER A 127 10.58 5.16 31.82
N THR A 128 10.90 5.30 33.11
CA THR A 128 10.31 6.33 33.96
C THR A 128 10.79 7.73 33.59
N ASP A 129 11.97 7.80 32.97
CA ASP A 129 12.55 9.07 32.57
C ASP A 129 12.52 10.08 33.70
N LYS A 130 12.86 9.63 34.91
CA LYS A 130 12.89 10.50 36.08
C LYS A 130 13.92 11.62 35.90
N PRO A 131 13.52 12.85 36.27
CA PRO A 131 14.37 14.04 36.09
C PRO A 131 15.69 13.94 36.83
N CYS A 132 16.55 14.93 36.65
CA CYS A 132 17.87 14.93 37.27
C CYS A 132 18.48 16.32 37.25
N GLY A 133 19.60 16.47 37.96
CA GLY A 133 20.38 17.69 37.90
C GLY A 133 19.82 18.88 38.65
N LYS A 134 20.29 20.07 38.25
CA LYS A 134 19.96 21.33 38.92
C LYS A 134 18.50 21.43 39.35
N ASP A 135 17.59 21.50 38.38
CA ASP A 135 16.19 21.71 38.68
C ASP A 135 15.48 20.40 39.03
N ALA A 136 16.17 19.52 39.74
CA ALA A 136 15.59 18.25 40.15
C ALA A 136 16.26 17.72 41.41
N GLY A 137 16.52 18.62 42.36
CA GLY A 137 17.13 18.24 43.62
C GLY A 137 18.55 17.75 43.47
N GLY A 138 19.21 18.20 42.40
CA GLY A 138 20.57 17.80 42.13
C GLY A 138 20.71 16.31 42.01
N ARG A 139 19.69 15.66 41.47
CA ARG A 139 19.67 14.21 41.35
C ARG A 139 20.63 13.70 40.28
N VAL A 140 21.21 12.53 40.54
CA VAL A 140 22.18 11.93 39.62
C VAL A 140 21.61 10.68 38.95
N CYS A 141 21.80 10.58 37.64
CA CYS A 141 21.38 9.40 36.90
C CYS A 141 22.16 8.18 37.39
N THR A 142 21.69 6.99 37.03
CA THR A 142 22.40 5.77 37.35
C THR A 142 23.27 5.34 36.17
N ASN A 143 24.01 4.25 36.34
CA ASN A 143 24.84 3.71 35.27
C ASN A 143 25.77 4.75 34.65
N ASN A 144 25.99 5.85 35.36
CA ASN A 144 26.85 6.92 34.87
C ASN A 144 26.22 7.66 33.70
N TYR A 145 24.92 7.48 33.51
CA TYR A 145 24.21 8.11 32.40
C TYR A 145 24.39 9.62 32.41
N CYS A 146 24.35 10.23 31.23
CA CYS A 146 24.48 11.67 31.11
C CYS A 146 23.18 12.37 31.46
N CYS A 147 23.27 13.38 32.31
CA CYS A 147 22.12 14.20 32.65
C CYS A 147 22.12 15.44 31.77
N SER A 148 21.31 15.41 30.71
CA SER A 148 21.24 16.52 29.76
C SER A 148 20.99 17.83 30.46
N LYS A 149 21.31 18.94 29.79
CA LYS A 149 21.10 20.25 30.37
C LYS A 149 19.62 20.60 30.44
N TRP A 150 18.78 19.69 29.99
CA TRP A 150 17.33 19.84 30.10
C TRP A 150 16.82 19.05 31.30
N GLY A 151 17.74 18.35 31.96
CA GLY A 151 17.41 17.63 33.19
C GLY A 151 16.92 16.21 32.98
N SER A 152 17.21 15.65 31.81
CA SER A 152 16.80 14.28 31.50
C SER A 152 17.99 13.34 31.39
N CYS A 153 17.89 12.17 32.01
CA CYS A 153 18.97 11.20 31.98
C CYS A 153 19.00 10.44 30.66
N GLY A 154 20.21 10.10 30.20
CA GLY A 154 20.36 9.34 28.98
C GLY A 154 21.78 9.34 28.43
N ILE A 155 21.93 8.83 27.21
CA ILE A 155 23.22 8.81 26.53
C ILE A 155 23.06 9.39 25.14
N GLY A 156 24.09 10.08 24.66
CA GLY A 156 24.06 10.69 23.35
C GLY A 156 24.61 12.10 23.37
N PRO A 157 24.93 12.64 22.19
CA PRO A 157 25.49 14.00 22.07
C PRO A 157 24.58 15.04 22.72
N GLY A 158 23.29 14.73 22.78
CA GLY A 158 22.33 15.65 23.39
C GLY A 158 22.23 15.47 24.89
N TYR A 159 22.97 14.51 25.42
CA TYR A 159 22.96 14.23 26.85
C TYR A 159 24.33 14.46 27.48
N CYS A 160 25.38 14.11 26.75
CA CYS A 160 26.74 14.20 27.27
C CYS A 160 27.47 15.44 26.74
N GLY A 161 26.90 16.03 25.69
CA GLY A 161 27.49 17.23 25.11
C GLY A 161 27.24 18.46 25.96
N ALA A 162 27.22 19.62 25.33
CA ALA A 162 27.06 20.89 26.03
C ALA A 162 25.92 20.86 27.05
N GLY A 163 26.22 21.27 28.28
CA GLY A 163 25.20 21.40 29.31
C GLY A 163 25.07 20.19 30.23
N CYS A 164 25.77 19.11 29.89
CA CYS A 164 25.71 17.89 30.70
C CYS A 164 26.03 18.20 32.16
N GLN A 165 25.12 17.82 33.06
CA GLN A 165 25.24 18.17 34.46
C GLN A 165 26.00 17.14 35.29
N SER A 166 25.94 15.89 34.85
CA SER A 166 26.62 14.80 35.55
C SER A 166 26.72 13.55 34.69
N GLY A 167 27.38 12.52 35.21
CA GLY A 167 27.54 11.27 34.48
C GLY A 167 28.66 11.34 33.46
N GLY A 168 28.71 10.37 32.56
CA GLY A 168 29.77 10.27 31.58
C GLY A 168 29.71 11.36 30.52
N CYS A 169 29.87 12.60 30.96
CA CYS A 169 29.85 13.74 30.05
C CYS A 169 31.04 13.70 29.09
N ASP A 170 31.00 14.56 28.07
CA ASP A 170 32.05 14.60 27.06
C ASP A 170 33.20 15.50 27.49
N CYS B 3 22.58 2.30 11.93
CA CYS B 3 21.73 1.70 12.95
C CYS B 3 20.27 1.62 12.51
N GLY B 4 19.64 0.49 12.80
CA GLY B 4 18.23 0.29 12.48
C GLY B 4 17.93 0.20 10.99
N GLU B 5 16.77 0.72 10.60
CA GLU B 5 16.35 0.69 9.20
C GLU B 5 17.33 1.49 8.33
N GLN B 6 17.95 2.50 8.91
CA GLN B 6 18.93 3.31 8.21
C GLN B 6 20.26 2.58 8.09
N GLY B 7 20.41 1.49 8.82
CA GLY B 7 21.67 0.78 8.87
C GLY B 7 21.55 -0.73 8.73
N SER B 8 20.66 -1.19 7.87
CA SER B 8 20.52 -2.61 7.58
C SER B 8 20.15 -3.42 8.81
N ASN B 9 19.14 -2.97 9.54
CA ASN B 9 18.67 -3.66 10.74
C ASN B 9 19.78 -3.82 11.77
N MET B 10 20.66 -2.82 11.83
CA MET B 10 21.80 -2.86 12.74
C MET B 10 21.34 -2.72 14.19
N GLU B 11 22.05 -3.37 15.11
CA GLU B 11 21.70 -3.29 16.52
C GLU B 11 22.77 -2.59 17.35
N CYS B 12 22.35 -1.99 18.46
CA CYS B 12 23.24 -1.24 19.34
C CYS B 12 23.94 -2.15 20.33
N PRO B 13 25.09 -1.69 20.87
CA PRO B 13 25.78 -2.45 21.92
C PRO B 13 25.01 -2.39 23.24
N ASN B 14 25.15 -3.43 24.06
CA ASN B 14 24.57 -3.44 25.39
C ASN B 14 23.14 -2.90 25.44
N ASN B 15 22.27 -3.47 24.61
CA ASN B 15 20.85 -3.14 24.63
C ASN B 15 20.51 -1.65 24.54
N LEU B 16 21.43 -0.85 24.01
CA LEU B 16 21.14 0.57 23.80
C LEU B 16 19.97 0.71 22.84
N CYS B 17 19.28 1.84 22.91
CA CYS B 17 18.11 2.07 22.06
C CYS B 17 18.48 2.78 20.77
N CYS B 18 17.95 2.27 19.65
CA CYS B 18 18.16 2.88 18.35
C CYS B 18 17.01 3.82 18.01
N SER B 19 17.31 5.11 17.90
CA SER B 19 16.28 6.11 17.63
C SER B 19 15.67 5.93 16.24
N GLN B 20 14.53 6.59 16.02
CA GLN B 20 13.84 6.51 14.75
C GLN B 20 14.73 7.00 13.60
N TYR B 21 15.73 7.80 13.93
CA TYR B 21 16.62 8.36 12.92
C TYR B 21 17.84 7.48 12.68
N GLY B 22 17.92 6.38 13.42
CA GLY B 22 18.95 5.37 13.20
C GLY B 22 20.27 5.63 13.89
N TYR B 23 20.21 6.08 15.14
CA TYR B 23 21.42 6.29 15.94
C TYR B 23 21.31 5.57 17.28
N CYS B 24 22.41 4.97 17.72
CA CYS B 24 22.44 4.32 19.02
C CYS B 24 22.54 5.37 20.12
N GLY B 25 21.72 5.21 21.16
CA GLY B 25 21.74 6.14 22.29
C GLY B 25 21.06 5.55 23.50
N MET B 26 20.45 6.42 24.31
CA MET B 26 19.76 5.97 25.51
C MET B 26 18.84 7.05 26.07
N GLY B 27 17.66 6.64 26.52
CA GLY B 27 16.72 7.55 27.16
C GLY B 27 15.98 8.47 26.22
N GLY B 28 14.65 8.39 26.26
CA GLY B 28 13.79 9.33 25.56
C GLY B 28 13.98 9.43 24.07
N ASP B 29 14.90 10.29 23.64
CA ASP B 29 15.15 10.54 22.23
C ASP B 29 15.64 9.29 21.49
N TYR B 30 15.74 8.17 22.22
CA TYR B 30 16.19 6.92 21.63
C TYR B 30 15.27 5.77 22.00
N CYS B 31 14.81 5.76 23.24
CA CYS B 31 13.95 4.68 23.73
C CYS B 31 12.48 5.09 23.72
N GLY B 32 12.20 6.29 23.23
CA GLY B 32 10.86 6.82 23.23
C GLY B 32 10.02 6.37 22.05
N LYS B 33 9.38 7.35 21.39
CA LYS B 33 8.53 7.07 20.24
C LYS B 33 9.37 6.69 19.03
N CYS B 35 11.15 4.25 18.40
CA CYS B 35 12.24 3.35 18.78
C CYS B 35 12.20 2.08 17.93
N GLN B 36 13.35 1.74 17.36
CA GLN B 36 13.43 0.60 16.45
C GLN B 36 13.79 -0.70 17.19
N ASN B 37 14.97 -0.74 17.77
CA ASN B 37 15.39 -1.90 18.55
C ASN B 37 16.15 -1.50 19.82
N GLY B 38 16.70 -2.50 20.50
CA GLY B 38 17.39 -2.26 21.76
C GLY B 38 16.46 -2.43 22.93
N ALA B 39 16.48 -1.47 23.84
CA ALA B 39 15.63 -1.51 25.03
C ALA B 39 14.54 -0.45 24.97
N CYS B 40 13.71 -0.52 23.92
CA CYS B 40 12.65 0.45 23.73
C CYS B 40 11.69 0.44 24.92
N TRP B 41 11.24 1.63 25.32
CA TRP B 41 10.34 1.76 26.46
C TRP B 41 9.03 1.03 26.22
N THR B 42 8.57 1.04 24.97
CA THR B 42 7.40 0.27 24.58
C THR B 42 7.83 -1.05 23.96
N SER B 43 7.71 -2.13 24.73
CA SER B 43 8.13 -3.45 24.28
C SER B 43 7.52 -3.80 22.92
N LYS B 44 8.34 -4.36 22.03
CA LYS B 44 7.88 -4.74 20.71
C LYS B 44 7.19 -6.10 20.71
N ARG B 45 6.22 -6.27 19.82
CA ARG B 45 5.48 -7.52 19.73
C ARG B 45 6.28 -8.58 18.97
N CYS B 46 5.88 -9.84 19.14
CA CYS B 46 6.57 -10.95 18.51
C CYS B 46 5.75 -12.24 18.59
N GLY B 47 6.31 -13.31 18.07
CA GLY B 47 5.70 -14.63 18.20
C GLY B 47 4.32 -14.74 17.62
N SER B 48 3.54 -15.70 18.16
CA SER B 48 2.21 -15.99 17.64
C SER B 48 1.19 -14.92 17.97
N GLN B 49 1.64 -13.66 17.98
CA GLN B 49 0.75 -12.52 18.13
C GLN B 49 1.13 -11.46 17.10
N ALA B 50 2.18 -11.75 16.33
CA ALA B 50 2.66 -10.82 15.32
C ALA B 50 3.29 -11.57 14.14
N GLY B 51 2.47 -12.34 13.43
CA GLY B 51 2.92 -13.06 12.26
C GLY B 51 4.13 -13.92 12.49
N GLY B 52 4.31 -14.38 13.73
CA GLY B 52 5.44 -15.22 14.08
C GLY B 52 6.77 -14.51 13.98
N ALA B 53 6.76 -13.19 14.13
CA ALA B 53 7.99 -12.41 14.09
C ALA B 53 8.91 -12.76 15.26
N THR B 54 10.18 -12.43 15.12
CA THR B 54 11.16 -12.73 16.16
C THR B 54 11.70 -11.46 16.80
N CYS B 55 12.00 -11.55 18.10
CA CYS B 55 12.57 -10.43 18.82
C CYS B 55 13.99 -10.13 18.36
N THR B 56 14.33 -8.85 18.31
CA THR B 56 15.70 -8.43 18.02
C THR B 56 16.53 -8.42 19.31
N ASN B 57 17.84 -8.23 19.15
CA ASN B 57 18.78 -8.16 20.27
C ASN B 57 18.87 -9.45 21.07
N ASN B 58 18.45 -10.56 20.47
CA ASN B 58 18.44 -11.85 21.14
C ASN B 58 17.54 -11.85 22.37
N GLN B 59 16.47 -11.08 22.31
CA GLN B 59 15.54 -10.97 23.44
C GLN B 59 14.58 -12.16 23.51
N CYS B 60 13.99 -12.36 24.69
CA CYS B 60 13.02 -13.43 24.89
C CYS B 60 11.61 -12.95 24.59
N CYS B 61 10.84 -13.81 23.92
CA CYS B 61 9.44 -13.52 23.63
C CYS B 61 8.54 -14.22 24.64
N SER B 62 7.80 -13.43 25.42
CA SER B 62 6.92 -13.97 26.45
C SER B 62 5.80 -14.78 25.84
N GLN B 63 5.05 -15.47 26.70
CA GLN B 63 3.90 -16.25 26.25
C GLN B 63 2.78 -15.31 25.80
N TYR B 64 3.02 -14.02 25.91
CA TYR B 64 2.05 -13.02 25.47
C TYR B 64 2.54 -12.32 24.21
N GLY B 65 3.67 -12.77 23.69
CA GLY B 65 4.21 -12.23 22.45
C GLY B 65 4.89 -10.89 22.64
N TYR B 66 5.67 -10.77 23.71
CA TYR B 66 6.41 -9.54 24.00
C TYR B 66 7.88 -9.85 24.19
N CYS B 67 8.74 -8.95 23.67
CA CYS B 67 10.18 -9.12 23.78
C CYS B 67 10.71 -8.59 25.10
N GLY B 68 11.68 -9.28 25.69
CA GLY B 68 12.27 -8.83 26.94
C GLY B 68 13.22 -9.84 27.58
N PHE B 69 13.48 -9.65 28.86
CA PHE B 69 14.35 -10.54 29.63
C PHE B 69 13.80 -10.77 31.02
N GLY B 70 14.28 -11.81 31.70
CA GLY B 70 13.76 -12.18 33.00
C GLY B 70 12.71 -13.28 32.90
N ALA B 71 12.45 -13.93 34.02
CA ALA B 71 11.52 -15.06 34.06
C ALA B 71 10.21 -14.83 33.32
N GLU B 72 9.70 -13.60 33.35
CA GLU B 72 8.43 -13.29 32.69
C GLU B 72 8.55 -13.28 31.16
N TYR B 73 9.75 -13.55 30.66
CA TYR B 73 9.98 -13.53 29.22
C TYR B 73 10.71 -14.78 28.75
N CYS B 74 11.75 -15.17 29.48
CA CYS B 74 12.56 -16.32 29.11
C CYS B 74 12.15 -17.56 29.88
N GLY B 75 11.12 -17.42 30.71
CA GLY B 75 10.64 -18.53 31.51
C GLY B 75 9.57 -19.33 30.80
N ALA B 76 8.68 -19.93 31.59
CA ALA B 76 7.60 -20.75 31.06
C ALA B 76 6.80 -20.02 29.98
N GLY B 77 6.53 -20.72 28.88
CA GLY B 77 5.74 -20.17 27.81
C GLY B 77 6.52 -19.27 26.87
N CYS B 78 7.85 -19.36 26.93
CA CYS B 78 8.69 -18.55 26.06
C CYS B 78 8.60 -19.02 24.62
N GLN B 79 8.30 -18.11 23.71
CA GLN B 79 8.19 -18.44 22.30
C GLN B 79 9.54 -18.42 21.62
N GLY B 80 10.14 -17.24 21.51
CA GLY B 80 11.44 -17.09 20.87
C GLY B 80 12.47 -16.50 21.82
N GLY B 81 13.73 -16.53 21.39
CA GLY B 81 14.80 -15.97 22.19
C GLY B 81 15.57 -17.01 22.98
N PRO B 82 16.42 -16.55 23.92
CA PRO B 82 17.21 -17.41 24.79
C PRO B 82 16.38 -17.92 25.95
N CYS B 83 15.44 -18.83 25.67
CA CYS B 83 14.56 -19.36 26.70
C CYS B 83 15.33 -20.18 27.75
N ARG B 84 14.72 -20.32 28.92
CA ARG B 84 15.33 -21.10 29.99
C ARG B 84 15.18 -22.59 29.70
N ALA B 85 14.11 -22.94 28.99
CA ALA B 85 13.88 -24.32 28.60
C ALA B 85 14.69 -24.67 27.35
N ASP B 86 15.37 -25.81 27.39
CA ASP B 86 16.13 -26.29 26.26
C ASP B 86 15.31 -26.20 24.98
N ILE B 87 15.98 -25.84 23.89
CA ILE B 87 15.33 -25.78 22.59
C ILE B 87 15.85 -26.89 21.68
N LYS B 88 14.95 -27.81 21.33
CA LYS B 88 15.32 -28.95 20.49
C LYS B 88 15.31 -28.58 19.01
N CYS B 89 16.11 -29.29 18.23
CA CYS B 89 16.25 -28.99 16.81
C CYS B 89 16.89 -30.15 16.07
N GLY B 90 17.04 -29.99 14.76
CA GLY B 90 17.70 -30.99 13.94
C GLY B 90 16.87 -32.24 13.72
N SER B 91 17.55 -33.36 13.46
CA SER B 91 16.86 -34.63 13.23
C SER B 91 16.00 -35.03 14.42
N GLN B 92 16.39 -34.59 15.60
CA GLN B 92 15.67 -34.91 16.82
C GLN B 92 14.29 -34.26 16.83
N ALA B 93 14.17 -33.12 16.17
CA ALA B 93 12.93 -32.34 16.22
C ALA B 93 12.35 -32.05 14.84
N GLY B 94 12.27 -33.08 14.00
CA GLY B 94 11.66 -32.96 12.70
C GLY B 94 12.29 -31.91 11.81
N GLY B 95 13.62 -31.87 11.78
CA GLY B 95 14.34 -30.93 10.94
C GLY B 95 13.98 -29.48 11.19
N LYS B 96 13.94 -29.09 12.46
CA LYS B 96 13.64 -27.72 12.83
C LYS B 96 14.93 -26.94 13.07
N LEU B 97 14.99 -25.73 12.51
CA LEU B 97 16.18 -24.90 12.64
C LEU B 97 16.11 -24.04 13.90
N CYS B 98 17.26 -23.78 14.50
CA CYS B 98 17.34 -22.82 15.60
C CYS B 98 17.16 -21.42 15.03
N PRO B 99 16.25 -20.64 15.62
CA PRO B 99 16.10 -19.24 15.25
C PRO B 99 17.39 -18.46 15.44
N ASN B 100 17.55 -17.39 14.67
CA ASN B 100 18.72 -16.53 14.76
C ASN B 100 20.05 -17.26 14.62
N ASN B 101 20.10 -18.20 13.67
CA ASN B 101 21.36 -18.82 13.28
C ASN B 101 22.09 -19.58 14.37
N LEU B 102 21.37 -19.91 15.45
CA LEU B 102 21.96 -20.70 16.51
C LEU B 102 22.30 -22.09 15.99
N CYS B 103 23.46 -22.61 16.41
CA CYS B 103 23.87 -23.94 16.00
C CYS B 103 23.07 -25.01 16.72
N CYS B 104 22.63 -26.00 15.95
CA CYS B 104 21.97 -27.17 16.54
C CYS B 104 23.03 -28.21 16.87
N SER B 105 23.18 -28.49 18.15
CA SER B 105 24.18 -29.43 18.63
C SER B 105 23.92 -30.83 18.10
N GLN B 106 24.87 -31.73 18.35
CA GLN B 106 24.72 -33.12 17.96
C GLN B 106 23.57 -33.77 18.72
N TRP B 107 23.33 -33.30 19.94
CA TRP B 107 22.26 -33.86 20.78
C TRP B 107 20.91 -33.25 20.42
N GLY B 108 20.90 -32.39 19.40
CA GLY B 108 19.67 -31.78 18.93
C GLY B 108 19.17 -30.65 19.79
N PHE B 109 20.08 -29.78 20.20
CA PHE B 109 19.73 -28.61 20.99
C PHE B 109 20.34 -27.33 20.40
N CYS B 110 19.62 -26.23 20.55
CA CYS B 110 20.08 -24.93 20.04
C CYS B 110 21.05 -24.25 21.00
N GLY B 111 21.99 -23.48 20.44
CA GLY B 111 22.92 -22.72 21.25
C GLY B 111 24.16 -22.27 20.49
N LEU B 112 24.95 -21.41 21.12
CA LEU B 112 26.22 -20.97 20.56
C LEU B 112 27.36 -21.40 21.48
N GLY B 113 28.48 -21.81 20.89
CA GLY B 113 29.62 -22.27 21.65
C GLY B 113 30.17 -23.55 21.07
N SER B 114 31.42 -23.88 21.38
CA SER B 114 32.05 -25.06 20.80
C SER B 114 31.16 -26.30 20.93
N GLU B 115 30.52 -26.46 22.08
CA GLU B 115 29.65 -27.61 22.30
C GLU B 115 28.55 -27.69 21.26
N PHE B 116 28.07 -26.52 20.84
CA PHE B 116 26.93 -26.43 19.93
C PHE B 116 27.33 -26.30 18.46
N CYS B 117 28.38 -25.52 18.19
CA CYS B 117 28.78 -25.24 16.82
C CYS B 117 29.99 -26.06 16.39
N GLY B 118 30.63 -26.72 17.35
CA GLY B 118 31.78 -27.55 17.06
C GLY B 118 31.38 -28.83 16.37
N GLY B 119 32.10 -29.90 16.66
CA GLY B 119 31.79 -31.21 16.10
C GLY B 119 30.34 -31.60 16.32
N GLY B 120 29.76 -32.25 15.33
CA GLY B 120 28.39 -32.74 15.44
C GLY B 120 27.34 -31.71 15.10
N CYS B 121 27.76 -30.46 14.95
CA CYS B 121 26.82 -29.37 14.65
C CYS B 121 26.00 -29.70 13.40
N GLN B 122 24.68 -29.65 13.55
CA GLN B 122 23.77 -30.02 12.46
C GLN B 122 23.40 -28.82 11.58
N SER B 123 23.15 -27.68 12.20
CA SER B 123 22.76 -26.48 11.47
C SER B 123 23.21 -25.22 12.20
N GLY B 124 22.80 -24.07 11.69
CA GLY B 124 23.14 -22.80 12.30
C GLY B 124 24.56 -22.35 12.00
N ALA B 125 25.09 -21.49 12.87
CA ALA B 125 26.41 -20.92 12.66
C ALA B 125 27.52 -21.87 13.08
N CYS B 126 27.51 -23.08 12.53
CA CYS B 126 28.50 -24.09 12.87
C CYS B 126 29.93 -23.57 12.70
N SER B 127 30.83 -24.04 13.56
CA SER B 127 32.22 -23.63 13.51
C SER B 127 32.95 -24.46 12.46
N THR B 128 32.47 -25.68 12.23
CA THR B 128 33.05 -26.56 11.25
C THR B 128 32.70 -26.06 9.85
N ASP B 129 33.71 -25.57 9.14
CA ASP B 129 33.50 -25.00 7.82
C ASP B 129 33.41 -26.09 6.77
N LYS B 130 32.44 -26.98 6.92
CA LYS B 130 32.25 -28.07 5.97
C LYS B 130 32.11 -27.52 4.54
N PRO B 131 32.85 -28.13 3.60
CA PRO B 131 32.85 -27.71 2.19
C PRO B 131 31.49 -27.90 1.55
N CYS B 132 31.24 -27.20 0.44
CA CYS B 132 30.01 -27.35 -0.31
C CYS B 132 30.29 -27.22 -1.80
N GLY B 133 29.26 -27.43 -2.62
CA GLY B 133 29.37 -27.23 -4.04
C GLY B 133 29.90 -28.43 -4.82
N LYS B 134 30.18 -28.20 -6.10
CA LYS B 134 30.67 -29.27 -6.97
C LYS B 134 31.94 -29.90 -6.43
N ASP B 135 32.83 -29.07 -5.89
CA ASP B 135 34.10 -29.52 -5.37
C ASP B 135 33.94 -30.41 -4.14
N ALA B 136 32.70 -30.58 -3.69
CA ALA B 136 32.43 -31.36 -2.49
C ALA B 136 31.21 -32.28 -2.66
N GLY B 137 31.17 -33.01 -3.78
CA GLY B 137 30.11 -33.95 -4.04
C GLY B 137 28.74 -33.30 -4.12
N GLY B 138 28.72 -32.06 -4.62
CA GLY B 138 27.47 -31.34 -4.81
C GLY B 138 26.72 -31.04 -3.54
N ARG B 139 27.44 -31.09 -2.41
CA ARG B 139 26.84 -30.82 -1.12
C ARG B 139 26.30 -29.39 -1.03
N VAL B 140 25.16 -29.24 -0.37
CA VAL B 140 24.55 -27.92 -0.17
C VAL B 140 24.54 -27.54 1.30
N CYS B 141 24.18 -26.30 1.59
CA CYS B 141 24.25 -25.77 2.94
C CYS B 141 22.94 -25.94 3.71
N THR B 142 23.00 -25.63 5.00
CA THR B 142 21.81 -25.61 5.84
C THR B 142 21.28 -24.19 5.83
N ASN B 143 20.15 -23.96 6.50
CA ASN B 143 19.61 -22.61 6.65
C ASN B 143 19.48 -21.83 5.36
N ASN B 144 19.62 -22.51 4.23
CA ASN B 144 19.60 -21.85 2.94
C ASN B 144 20.79 -20.89 2.84
N TYR B 145 21.91 -21.27 3.44
CA TYR B 145 23.12 -20.47 3.34
C TYR B 145 23.68 -20.62 1.93
N CYS B 146 24.24 -19.53 1.40
CA CYS B 146 24.80 -19.53 0.06
C CYS B 146 26.12 -20.29 0.01
N CYS B 147 26.31 -21.05 -1.05
CA CYS B 147 27.58 -21.73 -1.30
C CYS B 147 28.42 -20.90 -2.25
N SER B 148 29.55 -20.39 -1.76
CA SER B 148 30.42 -19.55 -2.56
C SER B 148 30.98 -20.30 -3.75
N LYS B 149 31.64 -19.58 -4.64
CA LYS B 149 32.29 -20.17 -5.80
C LYS B 149 33.37 -21.16 -5.34
N TRP B 150 34.07 -20.81 -4.27
CA TRP B 150 35.19 -21.61 -3.79
C TRP B 150 34.74 -22.79 -2.94
N GLY B 151 33.45 -22.90 -2.70
CA GLY B 151 32.88 -24.07 -2.06
C GLY B 151 32.70 -23.97 -0.56
N SER B 152 32.40 -22.77 -0.08
CA SER B 152 32.21 -22.53 1.35
C SER B 152 30.84 -21.93 1.64
N CYS B 153 30.20 -22.39 2.71
CA CYS B 153 28.89 -21.89 3.09
C CYS B 153 29.01 -20.61 3.92
N GLY B 154 28.07 -19.70 3.74
CA GLY B 154 28.08 -18.44 4.46
C GLY B 154 27.00 -17.49 3.97
N ILE B 155 27.14 -16.22 4.32
CA ILE B 155 26.20 -15.19 3.87
C ILE B 155 26.93 -13.89 3.59
N GLY B 156 26.85 -13.41 2.35
CA GLY B 156 27.51 -12.19 1.94
C GLY B 156 27.82 -12.20 0.46
N PRO B 157 28.35 -11.08 -0.05
CA PRO B 157 28.65 -10.92 -1.49
C PRO B 157 29.50 -12.06 -2.04
N GLY B 158 30.52 -12.46 -1.28
CA GLY B 158 31.42 -13.53 -1.69
C GLY B 158 30.76 -14.90 -1.64
N TYR B 159 29.66 -14.99 -0.90
CA TYR B 159 28.93 -16.25 -0.78
C TYR B 159 27.68 -16.26 -1.64
N CYS B 160 26.89 -15.20 -1.55
CA CYS B 160 25.60 -15.11 -2.24
C CYS B 160 25.69 -14.40 -3.59
N GLY B 161 26.79 -13.70 -3.82
CA GLY B 161 26.99 -12.99 -5.06
C GLY B 161 27.36 -13.92 -6.21
N ALA B 162 28.09 -13.41 -7.18
CA ALA B 162 28.49 -14.20 -8.34
C ALA B 162 29.27 -15.45 -7.93
N GLY B 163 29.06 -16.53 -8.67
CA GLY B 163 29.73 -17.79 -8.38
C GLY B 163 28.93 -18.68 -7.44
N CYS B 164 27.87 -18.12 -6.87
CA CYS B 164 27.04 -18.85 -5.91
C CYS B 164 26.46 -20.12 -6.52
N GLN B 165 26.74 -21.25 -5.90
CA GLN B 165 26.32 -22.55 -6.44
C GLN B 165 24.95 -23.03 -5.94
N SER B 166 24.61 -22.67 -4.71
CA SER B 166 23.32 -23.06 -4.12
C SER B 166 23.03 -22.28 -2.84
N GLY B 167 21.78 -22.32 -2.40
CA GLY B 167 21.35 -21.56 -1.25
C GLY B 167 20.59 -20.31 -1.67
N GLY B 168 20.46 -19.35 -0.77
CA GLY B 168 19.76 -18.12 -1.07
C GLY B 168 20.59 -17.14 -1.88
N CYS B 169 20.91 -17.53 -3.11
CA CYS B 169 21.73 -16.71 -3.99
C CYS B 169 20.98 -15.47 -4.47
N ASP B 170 21.74 -14.49 -4.95
CA ASP B 170 21.15 -13.24 -5.44
C ASP B 170 20.44 -13.45 -6.77
N ARG C 2 -16.07 19.57 -34.17
CA ARG C 2 -14.85 19.11 -33.54
C ARG C 2 -15.12 18.56 -32.13
N CYS C 3 -14.22 17.70 -31.65
CA CYS C 3 -14.36 17.10 -30.33
C CYS C 3 -13.00 16.94 -29.67
N GLY C 4 -13.01 16.69 -28.36
CA GLY C 4 -11.78 16.54 -27.61
C GLY C 4 -11.04 17.85 -27.43
N GLU C 5 -9.72 17.80 -27.53
CA GLU C 5 -8.90 18.99 -27.38
C GLU C 5 -9.30 20.07 -28.38
N GLN C 6 -9.75 19.64 -29.56
CA GLN C 6 -10.09 20.56 -30.63
C GLN C 6 -11.49 21.14 -30.50
N GLY C 7 -12.29 20.57 -29.61
CA GLY C 7 -13.66 21.02 -29.45
C GLY C 7 -14.09 21.22 -28.01
N SER C 8 -13.33 22.01 -27.27
CA SER C 8 -13.68 22.34 -25.89
C SER C 8 -14.01 21.11 -25.05
N ASN C 9 -13.25 20.04 -25.27
CA ASN C 9 -13.39 18.81 -24.48
C ASN C 9 -14.76 18.15 -24.56
N MET C 10 -15.43 18.31 -25.69
CA MET C 10 -16.74 17.69 -25.89
C MET C 10 -16.62 16.22 -26.29
N GLU C 11 -17.72 15.49 -26.16
CA GLU C 11 -17.74 14.05 -26.37
C GLU C 11 -18.72 13.66 -27.47
N CYS C 12 -18.42 12.57 -28.18
CA CYS C 12 -19.29 12.09 -29.25
C CYS C 12 -20.46 11.30 -28.67
N PRO C 13 -21.62 11.37 -29.35
CA PRO C 13 -22.80 10.63 -28.87
C PRO C 13 -22.61 9.11 -29.01
N ASN C 14 -23.42 8.35 -28.29
CA ASN C 14 -23.40 6.89 -28.41
C ASN C 14 -22.00 6.30 -28.29
N ASN C 15 -21.21 6.85 -27.36
CA ASN C 15 -19.89 6.32 -27.04
C ASN C 15 -18.91 6.26 -28.21
N LEU C 16 -19.13 7.08 -29.23
CA LEU C 16 -18.20 7.15 -30.34
C LEU C 16 -16.87 7.76 -29.92
N CYS C 17 -15.78 7.07 -30.21
CA CYS C 17 -14.45 7.56 -29.89
C CYS C 17 -14.17 8.88 -30.58
N CYS C 18 -13.38 9.74 -29.93
CA CYS C 18 -12.90 10.96 -30.54
C CYS C 18 -11.42 10.82 -30.85
N SER C 19 -11.07 10.84 -32.14
CA SER C 19 -9.70 10.65 -32.56
C SER C 19 -8.79 11.78 -32.08
N GLN C 20 -7.50 11.63 -32.35
CA GLN C 20 -6.52 12.63 -31.94
C GLN C 20 -6.72 13.95 -32.68
N TYR C 21 -7.30 13.86 -33.87
CA TYR C 21 -7.49 15.05 -34.70
C TYR C 21 -8.80 15.77 -34.41
N GLY C 22 -9.52 15.28 -33.41
CA GLY C 22 -10.71 15.96 -32.93
C GLY C 22 -11.98 15.67 -33.71
N TYR C 23 -12.07 14.46 -34.26
CA TYR C 23 -13.24 14.04 -35.00
C TYR C 23 -13.85 12.78 -34.41
N CYS C 24 -15.17 12.64 -34.54
CA CYS C 24 -15.89 11.50 -33.98
C CYS C 24 -16.05 10.36 -34.98
N GLY C 25 -15.99 9.13 -34.48
CA GLY C 25 -16.18 7.97 -35.34
C GLY C 25 -15.86 6.64 -34.68
N MET C 26 -15.94 5.57 -35.47
CA MET C 26 -15.68 4.23 -34.99
C MET C 26 -14.54 3.60 -35.80
N GLY C 27 -13.85 2.63 -35.21
CA GLY C 27 -12.76 1.94 -35.90
C GLY C 27 -11.38 2.36 -35.42
N GLY C 28 -10.36 1.72 -35.97
CA GLY C 28 -8.99 1.96 -35.57
C GLY C 28 -8.53 3.41 -35.67
N ASP C 29 -9.13 4.15 -36.59
CA ASP C 29 -8.74 5.55 -36.80
C ASP C 29 -9.26 6.44 -35.67
N TYR C 30 -10.24 5.94 -34.93
CA TYR C 30 -10.88 6.75 -33.90
C TYR C 30 -10.68 6.20 -32.50
N CYS C 31 -10.64 4.88 -32.38
CA CYS C 31 -10.55 4.23 -31.08
C CYS C 31 -9.13 3.76 -30.78
N GLY C 32 -8.37 3.48 -31.83
CA GLY C 32 -7.00 3.00 -31.69
C GLY C 32 -6.06 4.08 -31.20
N LYS C 33 -4.81 3.98 -31.64
CA LYS C 33 -3.75 4.90 -31.20
C LYS C 33 -4.16 6.37 -31.33
N GLY C 34 -4.15 7.08 -30.21
CA GLY C 34 -4.41 8.51 -30.20
C GLY C 34 -5.81 8.91 -29.77
N CYS C 35 -6.61 7.94 -29.34
CA CYS C 35 -7.99 8.20 -28.96
C CYS C 35 -8.07 9.14 -27.75
N GLN C 36 -8.94 10.13 -27.84
CA GLN C 36 -9.08 11.12 -26.79
C GLN C 36 -10.18 10.75 -25.79
N ASN C 37 -11.32 10.33 -26.32
CA ASN C 37 -12.42 9.84 -25.49
C ASN C 37 -13.32 8.89 -26.26
N GLY C 38 -14.41 8.48 -25.63
CA GLY C 38 -15.29 7.49 -26.24
C GLY C 38 -14.78 6.08 -25.94
N ALA C 39 -15.24 5.11 -26.73
CA ALA C 39 -14.88 3.72 -26.52
C ALA C 39 -13.47 3.41 -27.02
N CYS C 40 -12.47 4.10 -26.48
CA CYS C 40 -11.09 3.89 -26.88
C CYS C 40 -10.65 2.48 -26.56
N TRP C 41 -9.97 1.84 -27.50
CA TRP C 41 -9.50 0.47 -27.32
C TRP C 41 -8.66 0.32 -26.05
N THR C 42 -7.74 1.26 -25.86
CA THR C 42 -7.00 1.33 -24.60
C THR C 42 -7.76 2.21 -23.62
N SER C 43 -8.44 1.56 -22.67
CA SER C 43 -9.28 2.25 -21.71
C SER C 43 -8.48 3.27 -20.91
N LYS C 44 -9.13 4.37 -20.53
CA LYS C 44 -8.49 5.43 -19.77
C LYS C 44 -8.34 5.08 -18.29
N ARG C 45 -7.31 5.64 -17.66
CA ARG C 45 -7.10 5.44 -16.24
C ARG C 45 -7.90 6.44 -15.43
N CYS C 46 -8.28 6.04 -14.21
CA CYS C 46 -9.09 6.89 -13.35
C CYS C 46 -8.97 6.51 -11.87
N GLY C 47 -9.67 7.24 -11.01
CA GLY C 47 -9.74 6.90 -9.60
C GLY C 47 -8.47 7.12 -8.81
N SER C 48 -8.33 6.38 -7.71
CA SER C 48 -7.17 6.53 -6.83
C SER C 48 -5.87 6.14 -7.54
N GLN C 49 -5.98 5.30 -8.55
CA GLN C 49 -4.80 4.84 -9.30
C GLN C 49 -4.31 5.94 -10.24
N ALA C 50 -5.11 6.98 -10.41
CA ALA C 50 -4.78 8.06 -11.34
C ALA C 50 -5.18 9.42 -10.81
N GLY C 51 -4.58 9.81 -9.69
CA GLY C 51 -4.80 11.13 -9.12
C GLY C 51 -6.26 11.53 -8.99
N GLY C 52 -7.13 10.55 -8.77
CA GLY C 52 -8.54 10.81 -8.57
C GLY C 52 -9.20 11.46 -9.77
N ALA C 53 -8.65 11.23 -10.95
CA ALA C 53 -9.24 11.72 -12.19
C ALA C 53 -10.51 10.94 -12.51
N THR C 54 -11.47 11.60 -13.14
CA THR C 54 -12.75 10.97 -13.45
C THR C 54 -12.82 10.45 -14.87
N CYS C 55 -13.89 9.72 -15.18
CA CYS C 55 -14.08 9.15 -16.50
C CYS C 55 -14.99 10.01 -17.36
N THR C 56 -14.70 10.05 -18.66
CA THR C 56 -15.54 10.76 -19.61
C THR C 56 -16.72 9.90 -20.03
N ASN C 57 -17.64 10.48 -20.80
CA ASN C 57 -18.76 9.73 -21.35
C ASN C 57 -19.60 9.07 -20.27
N ASN C 58 -19.53 9.60 -19.05
CA ASN C 58 -20.23 9.02 -17.91
C ASN C 58 -19.88 7.56 -17.72
N GLN C 59 -18.61 7.24 -17.93
CA GLN C 59 -18.13 5.87 -17.74
C GLN C 59 -17.82 5.61 -16.27
N CYS C 60 -18.04 4.37 -15.85
CA CYS C 60 -17.76 3.97 -14.47
C CYS C 60 -16.27 3.70 -14.30
N CYS C 61 -15.73 4.14 -13.16
CA CYS C 61 -14.35 3.86 -12.82
C CYS C 61 -14.31 2.62 -11.93
N SER C 62 -13.60 1.59 -12.37
CA SER C 62 -13.57 0.32 -11.64
C SER C 62 -12.66 0.37 -10.43
N GLN C 63 -12.65 -0.72 -9.67
CA GLN C 63 -11.82 -0.84 -8.48
C GLN C 63 -10.34 -0.86 -8.84
N TYR C 64 -10.05 -0.90 -10.14
CA TYR C 64 -8.67 -0.96 -10.60
C TYR C 64 -8.29 0.32 -11.36
N GLY C 65 -9.17 1.30 -11.33
CA GLY C 65 -8.90 2.60 -11.93
C GLY C 65 -9.04 2.64 -13.44
N TYR C 66 -10.02 1.91 -13.95
CA TYR C 66 -10.27 1.89 -15.39
C TYR C 66 -11.70 2.33 -15.70
N CYS C 67 -11.85 3.11 -16.77
CA CYS C 67 -13.16 3.59 -17.19
C CYS C 67 -13.83 2.59 -18.12
N GLY C 68 -15.14 2.46 -17.98
CA GLY C 68 -15.89 1.53 -18.82
C GLY C 68 -17.31 1.29 -18.34
N PHE C 69 -17.93 0.23 -18.85
CA PHE C 69 -19.26 -0.16 -18.44
C PHE C 69 -19.34 -1.66 -18.18
N GLY C 70 -20.42 -2.12 -17.57
CA GLY C 70 -20.56 -3.51 -17.18
C GLY C 70 -20.27 -3.73 -15.70
N ALA C 71 -20.63 -4.92 -15.21
CA ALA C 71 -20.49 -5.23 -13.79
C ALA C 71 -19.07 -5.07 -13.29
N GLU C 72 -18.10 -5.57 -14.06
CA GLU C 72 -16.71 -5.46 -13.70
C GLU C 72 -16.32 -4.02 -13.39
N TYR C 73 -17.08 -3.08 -13.93
CA TYR C 73 -16.77 -1.65 -13.79
C TYR C 73 -17.71 -0.91 -12.85
N CYS C 74 -19.00 -1.21 -12.94
CA CYS C 74 -20.00 -0.52 -12.12
C CYS C 74 -20.42 -1.34 -10.90
N GLY C 75 -19.86 -2.54 -10.78
CA GLY C 75 -20.17 -3.42 -9.67
C GLY C 75 -19.48 -3.00 -8.39
N ALA C 76 -18.77 -3.94 -7.77
CA ALA C 76 -18.08 -3.68 -6.51
C ALA C 76 -16.72 -3.03 -6.74
N GLY C 77 -16.41 -2.04 -5.92
CA GLY C 77 -15.16 -1.31 -6.06
C GLY C 77 -15.31 -0.09 -6.95
N CYS C 78 -16.48 0.02 -7.58
CA CYS C 78 -16.77 1.15 -8.46
C CYS C 78 -16.50 2.48 -7.79
N GLN C 79 -15.48 3.19 -8.27
CA GLN C 79 -15.04 4.43 -7.64
C GLN C 79 -15.80 5.65 -8.14
N GLY C 80 -16.23 5.62 -9.39
CA GLY C 80 -16.91 6.76 -9.98
C GLY C 80 -17.82 6.42 -11.14
N GLY C 81 -18.69 7.35 -11.51
CA GLY C 81 -19.63 7.14 -12.59
C GLY C 81 -20.94 6.60 -12.08
N PRO C 82 -21.77 6.06 -13.00
CA PRO C 82 -23.07 5.48 -12.67
C PRO C 82 -22.95 4.13 -11.93
N CYS C 83 -22.23 4.11 -10.82
CA CYS C 83 -22.06 2.90 -10.03
C CYS C 83 -23.40 2.30 -9.67
N ARG C 84 -23.45 0.97 -9.57
CA ARG C 84 -24.67 0.25 -9.24
C ARG C 84 -25.05 0.48 -7.77
N ALA C 85 -24.06 0.55 -6.90
CA ALA C 85 -24.29 0.86 -5.51
C ALA C 85 -24.60 2.34 -5.36
N ASP C 86 -25.72 2.64 -4.70
CA ASP C 86 -26.10 4.03 -4.45
C ASP C 86 -24.89 4.87 -4.05
N ILE C 87 -24.81 6.07 -4.59
CA ILE C 87 -23.70 6.96 -4.29
C ILE C 87 -24.14 8.04 -3.31
N LYS C 88 -23.59 7.99 -2.10
CA LYS C 88 -23.87 8.97 -1.07
C LYS C 88 -23.19 10.29 -1.38
N CYS C 89 -23.82 11.39 -0.98
CA CYS C 89 -23.26 12.71 -1.23
C CYS C 89 -23.88 13.75 -0.30
N GLY C 90 -23.31 14.94 -0.30
CA GLY C 90 -23.88 16.07 0.42
C GLY C 90 -23.78 15.98 1.93
N SER C 91 -24.74 16.62 2.59
CA SER C 91 -24.78 16.68 4.05
C SER C 91 -24.69 15.30 4.69
N GLN C 92 -25.22 14.30 4.01
CA GLN C 92 -25.23 12.93 4.53
C GLN C 92 -23.94 12.17 4.22
N ALA C 93 -23.01 12.83 3.56
CA ALA C 93 -21.74 12.19 3.22
C ALA C 93 -20.55 13.15 3.31
N GLY C 94 -20.50 13.91 4.40
CA GLY C 94 -19.38 14.80 4.66
C GLY C 94 -19.29 15.95 3.68
N GLY C 95 -20.42 16.33 3.11
CA GLY C 95 -20.46 17.41 2.13
C GLY C 95 -19.88 17.02 0.79
N LYS C 96 -19.69 15.73 0.59
CA LYS C 96 -19.10 15.20 -0.65
C LYS C 96 -19.88 15.66 -1.88
N LEU C 97 -19.15 15.93 -2.96
CA LEU C 97 -19.76 16.34 -4.22
C LEU C 97 -19.97 15.17 -5.16
N CYS C 98 -21.07 15.19 -5.90
CA CYS C 98 -21.28 14.23 -6.97
C CYS C 98 -20.34 14.57 -8.11
N PRO C 99 -19.68 13.56 -8.69
CA PRO C 99 -18.83 13.76 -9.86
C PRO C 99 -19.64 14.17 -11.07
N ASN C 100 -19.01 14.85 -12.02
CA ASN C 100 -19.66 15.20 -13.28
C ASN C 100 -20.95 15.99 -13.10
N ASN C 101 -21.00 16.82 -12.06
CA ASN C 101 -22.15 17.71 -11.85
C ASN C 101 -23.46 16.97 -11.64
N LEU C 102 -23.39 15.72 -11.21
CA LEU C 102 -24.60 14.95 -10.96
C LEU C 102 -25.37 15.58 -9.81
N CYS C 103 -26.69 15.48 -9.84
CA CYS C 103 -27.52 16.09 -8.81
C CYS C 103 -27.55 15.29 -7.51
N CYS C 104 -27.16 15.94 -6.42
CA CYS C 104 -27.24 15.34 -5.10
C CYS C 104 -28.60 15.63 -4.48
N SER C 105 -29.41 14.58 -4.31
CA SER C 105 -30.78 14.74 -3.84
C SER C 105 -30.85 15.21 -2.39
N GLN C 106 -32.05 15.57 -1.97
CA GLN C 106 -32.29 15.99 -0.58
C GLN C 106 -32.18 14.81 0.36
N TRP C 107 -31.70 13.68 -0.16
CA TRP C 107 -31.46 12.49 0.65
C TRP C 107 -29.99 12.10 0.58
N GLY C 108 -29.20 12.91 -0.10
CA GLY C 108 -27.76 12.72 -0.14
C GLY C 108 -27.34 11.55 -1.01
N PHE C 109 -28.01 11.42 -2.14
CA PHE C 109 -27.61 10.43 -3.14
C PHE C 109 -27.46 11.12 -4.50
N CYS C 110 -26.54 10.63 -5.32
CA CYS C 110 -26.27 11.21 -6.62
C CYS C 110 -27.19 10.65 -7.71
N GLY C 111 -27.65 11.53 -8.60
CA GLY C 111 -28.50 11.11 -9.71
C GLY C 111 -28.94 12.26 -10.59
N LEU C 112 -29.81 11.93 -11.56
CA LEU C 112 -30.38 12.95 -12.46
C LEU C 112 -31.86 12.71 -12.68
N GLY C 113 -32.66 13.75 -12.45
CA GLY C 113 -34.10 13.65 -12.60
C GLY C 113 -34.83 14.56 -11.63
N SER C 114 -36.15 14.57 -11.72
CA SER C 114 -36.96 15.43 -10.86
C SER C 114 -36.72 15.12 -9.38
N GLU C 115 -36.42 13.86 -9.08
CA GLU C 115 -36.19 13.44 -7.70
C GLU C 115 -34.83 13.90 -7.19
N PHE C 116 -33.83 13.85 -8.07
CA PHE C 116 -32.45 14.14 -7.68
C PHE C 116 -32.09 15.63 -7.81
N CYS C 117 -32.75 16.31 -8.74
CA CYS C 117 -32.42 17.71 -9.01
C CYS C 117 -33.54 18.64 -8.56
N GLY C 118 -34.66 18.06 -8.15
CA GLY C 118 -35.78 18.84 -7.67
C GLY C 118 -35.83 18.86 -6.16
N GLY C 119 -36.81 19.56 -5.61
CA GLY C 119 -36.98 19.65 -4.17
C GLY C 119 -35.77 20.22 -3.47
N GLY C 120 -35.26 19.48 -2.49
CA GLY C 120 -34.12 19.95 -1.70
C GLY C 120 -32.79 19.51 -2.27
N CYS C 121 -32.62 19.67 -3.58
CA CYS C 121 -31.35 19.37 -4.22
C CYS C 121 -30.23 20.13 -3.54
N GLN C 122 -29.16 19.43 -3.17
CA GLN C 122 -28.05 20.04 -2.45
C GLN C 122 -27.01 20.63 -3.41
N SER C 123 -26.40 19.77 -4.21
CA SER C 123 -25.43 20.22 -5.21
C SER C 123 -25.80 19.68 -6.58
N GLY C 124 -24.83 19.71 -7.49
CA GLY C 124 -25.05 19.24 -8.86
C GLY C 124 -25.86 20.22 -9.69
N ALA C 125 -26.45 19.72 -10.75
CA ALA C 125 -27.22 20.57 -11.67
C ALA C 125 -28.69 20.65 -11.26
N CYS C 126 -28.94 21.09 -10.03
CA CYS C 126 -30.30 21.22 -9.53
C CYS C 126 -31.20 21.97 -10.50
N SER C 127 -32.44 21.54 -10.60
CA SER C 127 -33.40 22.18 -11.51
C SER C 127 -34.25 23.21 -10.77
N THR C 128 -33.76 23.64 -9.60
CA THR C 128 -34.47 24.60 -8.78
C THR C 128 -34.01 26.02 -9.05
N ASP C 129 -32.72 26.18 -9.34
CA ASP C 129 -32.15 27.50 -9.61
C ASP C 129 -32.48 28.49 -8.50
N LYS C 130 -31.77 28.37 -7.38
CA LYS C 130 -31.94 29.29 -6.27
C LYS C 130 -31.10 30.54 -6.49
N PRO C 131 -31.67 31.72 -6.21
CA PRO C 131 -30.98 33.00 -6.39
C PRO C 131 -29.68 33.04 -5.61
N CYS C 132 -28.79 33.95 -5.98
CA CYS C 132 -27.50 34.10 -5.31
C CYS C 132 -27.04 35.54 -5.28
N GLY C 133 -25.99 35.82 -4.52
CA GLY C 133 -25.43 37.15 -4.46
C GLY C 133 -26.19 38.12 -3.58
N LYS C 134 -25.92 39.40 -3.77
CA LYS C 134 -26.47 40.47 -2.93
C LYS C 134 -27.94 40.27 -2.55
N ASP C 135 -28.79 40.04 -3.54
CA ASP C 135 -30.22 39.97 -3.31
C ASP C 135 -30.69 38.63 -2.76
N ALA C 136 -29.74 37.75 -2.46
CA ALA C 136 -30.07 36.44 -1.88
C ALA C 136 -29.31 36.21 -0.58
N GLY C 137 -29.03 37.30 0.14
CA GLY C 137 -28.29 37.22 1.38
C GLY C 137 -26.83 36.92 1.14
N GLY C 138 -26.34 37.27 -0.05
CA GLY C 138 -24.96 37.02 -0.40
C GLY C 138 -24.68 35.53 -0.59
N ARG C 139 -25.72 34.79 -0.93
CA ARG C 139 -25.61 33.34 -1.10
C ARG C 139 -24.61 32.95 -2.18
N VAL C 140 -24.02 31.76 -2.04
CA VAL C 140 -23.03 31.27 -2.98
C VAL C 140 -23.50 30.01 -3.70
N CYS C 141 -23.21 29.93 -5.00
CA CYS C 141 -23.53 28.75 -5.78
C CYS C 141 -22.63 27.59 -5.38
N THR C 142 -23.13 26.37 -5.56
CA THR C 142 -22.33 25.18 -5.28
C THR C 142 -21.48 24.83 -6.49
N ASN C 143 -20.56 23.88 -6.34
CA ASN C 143 -19.74 23.42 -7.46
C ASN C 143 -18.93 24.55 -8.10
N ASN C 144 -18.78 25.64 -7.38
CA ASN C 144 -18.05 26.80 -7.89
C ASN C 144 -18.76 27.45 -9.07
N TYR C 145 -20.06 27.17 -9.21
CA TYR C 145 -20.84 27.77 -10.27
C TYR C 145 -20.80 29.29 -10.17
N CYS C 146 -20.78 29.95 -11.34
CA CYS C 146 -20.75 31.40 -11.38
C CYS C 146 -22.11 31.98 -11.03
N CYS C 147 -22.09 33.07 -10.26
CA CYS C 147 -23.32 33.78 -9.93
C CYS C 147 -23.47 35.00 -10.84
N SER C 148 -24.49 34.96 -11.70
CA SER C 148 -24.71 36.02 -12.67
C SER C 148 -24.87 37.38 -11.99
N LYS C 149 -24.78 38.43 -12.78
CA LYS C 149 -24.97 39.79 -12.27
C LYS C 149 -26.44 40.05 -11.99
N TRP C 150 -27.24 38.99 -12.01
CA TRP C 150 -28.67 39.11 -11.76
C TRP C 150 -29.14 38.07 -10.74
N GLY C 151 -28.20 37.38 -10.12
CA GLY C 151 -28.50 36.44 -9.06
C GLY C 151 -28.97 35.09 -9.54
N SER C 152 -28.17 34.46 -10.40
CA SER C 152 -28.47 33.13 -10.90
C SER C 152 -27.21 32.31 -11.10
N CYS C 153 -27.20 31.09 -10.57
CA CYS C 153 -26.03 30.23 -10.66
C CYS C 153 -25.95 29.57 -12.02
N GLY C 154 -24.73 29.35 -12.51
CA GLY C 154 -24.53 28.70 -13.80
C GLY C 154 -23.12 28.87 -14.35
N ILE C 155 -22.92 28.41 -15.58
CA ILE C 155 -21.63 28.53 -16.24
C ILE C 155 -21.82 29.17 -17.61
N GLY C 156 -20.82 29.93 -18.05
CA GLY C 156 -20.86 30.58 -19.35
C GLY C 156 -20.52 32.05 -19.28
N PRO C 157 -20.85 32.80 -20.34
CA PRO C 157 -20.60 34.24 -20.42
C PRO C 157 -21.56 35.03 -19.55
N GLY C 158 -22.86 34.76 -19.72
CA GLY C 158 -23.88 35.47 -18.97
C GLY C 158 -23.84 35.16 -17.48
N TYR C 159 -22.98 34.22 -17.11
CA TYR C 159 -22.83 33.85 -15.71
C TYR C 159 -21.42 34.17 -15.22
N CYS C 160 -20.48 34.27 -16.16
CA CYS C 160 -19.10 34.58 -15.83
C CYS C 160 -18.56 35.68 -16.74
N CYS C 164 -20.56 39.15 -12.53
CA CYS C 164 -20.40 37.88 -11.82
C CYS C 164 -20.05 38.12 -10.35
N GLN C 165 -21.01 37.83 -9.48
CA GLN C 165 -20.85 38.11 -8.05
C GLN C 165 -19.87 37.16 -7.37
N SER C 166 -20.04 35.85 -7.60
CA SER C 166 -19.18 34.86 -6.95
C SER C 166 -19.10 33.57 -7.75
N GLY C 167 -18.03 32.80 -7.52
CA GLY C 167 -17.83 31.55 -8.22
C GLY C 167 -16.65 31.59 -9.16
N GLY C 168 -16.60 30.64 -10.10
CA GLY C 168 -15.51 30.55 -11.05
C GLY C 168 -15.56 31.67 -12.08
N CYS C 169 -15.51 32.91 -11.60
CA CYS C 169 -15.59 34.08 -12.47
C CYS C 169 -14.38 34.20 -13.39
N ASP C 170 -14.37 35.26 -14.19
CA ASP C 170 -13.29 35.50 -15.14
C ASP C 170 -12.32 36.57 -14.64
N PCA D 1 -16.72 22.60 -32.47
CA PCA D 1 -16.64 23.83 -31.68
CB PCA D 1 -16.33 25.01 -32.61
CG PCA D 1 -16.69 24.55 -34.01
CD PCA D 1 -17.01 23.10 -33.81
OE PCA D 1 -17.49 22.41 -34.71
C PCA D 1 -17.93 24.09 -30.94
O PCA D 1 -17.93 24.69 -29.86
N ARG D 2 -19.05 23.66 -31.52
CA ARG D 2 -20.35 23.78 -30.89
C ARG D 2 -20.81 22.40 -30.42
N CYS D 3 -22.06 22.29 -30.01
CA CYS D 3 -22.59 21.01 -29.55
C CYS D 3 -24.04 20.81 -29.98
N GLY D 4 -24.47 19.56 -30.05
CA GLY D 4 -25.83 19.23 -30.43
C GLY D 4 -26.09 19.42 -31.92
N GLU D 5 -27.29 19.89 -32.23
CA GLU D 5 -27.71 20.10 -33.61
C GLU D 5 -26.68 20.92 -34.39
N GLN D 6 -26.11 21.92 -33.74
CA GLN D 6 -25.15 22.81 -34.38
C GLN D 6 -23.77 22.19 -34.51
N GLY D 7 -23.62 20.98 -33.98
CA GLY D 7 -22.32 20.33 -33.98
C GLY D 7 -22.36 18.81 -34.04
N SER D 8 -23.03 18.27 -35.05
CA SER D 8 -23.04 16.83 -35.28
C SER D 8 -23.48 16.03 -34.04
N ASN D 9 -24.42 16.59 -33.28
CA ASN D 9 -24.93 15.93 -32.10
C ASN D 9 -23.87 15.67 -31.04
N MET D 10 -23.01 16.66 -30.83
CA MET D 10 -21.95 16.56 -29.85
C MET D 10 -22.52 16.72 -28.44
N GLU D 11 -21.85 16.12 -27.46
CA GLU D 11 -22.32 16.18 -26.08
C GLU D 11 -21.30 16.85 -25.17
N CYS D 12 -21.76 17.77 -24.33
CA CYS D 12 -20.89 18.52 -23.44
C CYS D 12 -20.24 17.60 -22.42
N PRO D 13 -18.98 17.89 -22.05
CA PRO D 13 -18.26 17.11 -21.02
C PRO D 13 -18.94 17.25 -19.66
N ASN D 14 -18.77 16.23 -18.81
CA ASN D 14 -19.29 16.29 -17.45
C ASN D 14 -20.76 16.71 -17.38
N ASN D 15 -21.54 16.20 -18.33
CA ASN D 15 -22.99 16.39 -18.30
C ASN D 15 -23.43 17.85 -18.35
N LEU D 16 -22.60 18.71 -18.94
CA LEU D 16 -23.00 20.10 -19.11
C LEU D 16 -24.16 20.17 -20.09
N CYS D 17 -24.99 21.20 -19.95
CA CYS D 17 -26.19 21.32 -20.75
C CYS D 17 -25.93 22.04 -22.07
N CYS D 18 -26.42 21.45 -23.15
CA CYS D 18 -26.38 22.11 -24.46
C CYS D 18 -27.72 22.77 -24.71
N SER D 19 -27.72 24.09 -24.79
CA SER D 19 -28.96 24.84 -25.00
C SER D 19 -29.36 24.91 -26.47
N GLN D 20 -30.42 25.65 -26.76
CA GLN D 20 -30.97 25.76 -28.10
C GLN D 20 -29.95 26.28 -29.12
N TYR D 21 -29.04 27.13 -28.66
CA TYR D 21 -28.08 27.76 -29.56
C TYR D 21 -26.84 26.91 -29.79
N GLY D 22 -26.87 25.68 -29.28
CA GLY D 22 -25.79 24.73 -29.51
C GLY D 22 -24.51 25.05 -28.76
N TYR D 23 -24.67 25.62 -27.56
CA TYR D 23 -23.52 25.93 -26.71
C TYR D 23 -23.61 25.19 -25.37
N CYS D 24 -22.45 24.81 -24.84
CA CYS D 24 -22.38 24.12 -23.56
C CYS D 24 -22.33 25.11 -22.40
N GLY D 25 -23.07 24.81 -21.35
CA GLY D 25 -23.10 25.67 -20.18
C GLY D 25 -23.80 25.05 -18.98
N MET D 26 -24.46 25.90 -18.20
CA MET D 26 -25.12 25.46 -16.98
C MET D 26 -26.07 26.57 -16.51
N GLY D 27 -27.30 26.19 -16.17
CA GLY D 27 -28.27 27.15 -15.69
C GLY D 27 -29.48 27.27 -16.61
N GLY D 28 -30.44 28.10 -16.22
CA GLY D 28 -31.67 28.27 -16.98
C GLY D 28 -31.43 28.51 -18.46
N ASP D 29 -30.38 29.24 -18.79
CA ASP D 29 -30.07 29.56 -20.17
C ASP D 29 -29.28 28.44 -20.84
N TYR D 30 -29.39 27.24 -20.29
CA TYR D 30 -28.69 26.07 -20.82
C TYR D 30 -29.44 24.79 -20.49
N CYS D 31 -30.16 24.79 -19.37
CA CYS D 31 -30.89 23.62 -18.92
C CYS D 31 -32.37 23.91 -18.80
N GLY D 32 -32.72 25.18 -19.00
CA GLY D 32 -34.12 25.59 -18.98
C GLY D 32 -34.82 25.14 -20.25
N LYS D 33 -35.90 25.82 -20.58
CA LYS D 33 -36.65 25.50 -21.79
C LYS D 33 -35.74 25.59 -23.02
N GLY D 34 -35.89 24.63 -23.93
CA GLY D 34 -35.12 24.63 -25.16
C GLY D 34 -33.78 23.91 -25.05
N CYS D 35 -33.58 23.19 -23.96
CA CYS D 35 -32.35 22.46 -23.73
C CYS D 35 -32.29 21.21 -24.58
N GLN D 36 -31.18 21.00 -25.28
CA GLN D 36 -31.02 19.82 -26.14
C GLN D 36 -30.66 18.59 -25.35
N ASN D 37 -29.41 18.52 -24.89
CA ASN D 37 -28.94 17.40 -24.08
C ASN D 37 -28.25 17.86 -22.81
N GLY D 38 -27.53 16.94 -22.16
CA GLY D 38 -26.87 17.25 -20.90
C GLY D 38 -27.83 17.13 -19.73
N ALA D 39 -27.49 17.77 -18.62
CA ALA D 39 -28.33 17.70 -17.42
C ALA D 39 -29.53 18.64 -17.51
N CYS D 40 -30.32 18.48 -18.56
CA CYS D 40 -31.50 19.33 -18.76
C CYS D 40 -32.49 19.19 -17.59
N TRP D 41 -32.97 20.32 -17.09
CA TRP D 41 -33.94 20.32 -16.00
C TRP D 41 -35.16 19.51 -16.36
N THR D 42 -35.52 19.49 -17.64
CA THR D 42 -36.65 18.71 -18.11
C THR D 42 -36.16 17.42 -18.75
N SER D 43 -36.25 16.33 -18.00
CA SER D 43 -35.76 15.04 -18.47
C SER D 43 -36.34 14.68 -19.84
N LYS D 44 -35.48 14.30 -20.77
CA LYS D 44 -35.91 13.90 -22.10
C LYS D 44 -36.55 12.51 -22.05
N ARG D 45 -37.46 12.26 -22.98
CA ARG D 45 -38.16 10.96 -23.05
C ARG D 45 -37.31 9.92 -23.76
N CYS D 46 -37.71 8.65 -23.62
CA CYS D 46 -36.96 7.55 -24.20
C CYS D 46 -37.73 6.23 -24.09
N GLY D 47 -37.09 5.15 -24.53
CA GLY D 47 -37.65 3.81 -24.38
C GLY D 47 -38.98 3.59 -25.08
N SER D 48 -39.77 2.69 -24.53
CA SER D 48 -41.05 2.32 -25.12
C SER D 48 -42.01 3.51 -25.22
N GLN D 49 -41.90 4.41 -24.27
CA GLN D 49 -42.77 5.58 -24.24
C GLN D 49 -42.36 6.61 -25.29
N ALA D 50 -41.29 6.34 -26.01
CA ALA D 50 -40.78 7.29 -27.00
C ALA D 50 -40.27 6.62 -28.27
N GLY D 51 -41.08 5.75 -28.85
CA GLY D 51 -40.74 5.10 -30.11
C GLY D 51 -39.34 4.50 -30.13
N GLY D 52 -38.89 4.01 -28.99
CA GLY D 52 -37.62 3.33 -28.91
C GLY D 52 -36.41 4.25 -28.84
N ALA D 53 -36.66 5.55 -28.71
CA ALA D 53 -35.57 6.52 -28.58
C ALA D 53 -34.68 6.18 -27.40
N THR D 54 -33.41 6.59 -27.48
CA THR D 54 -32.46 6.32 -26.40
C THR D 54 -32.04 7.59 -25.68
N CYS D 55 -31.34 7.42 -24.56
CA CYS D 55 -30.88 8.56 -23.78
C CYS D 55 -29.48 9.00 -24.20
N THR D 56 -29.34 10.31 -24.41
CA THR D 56 -28.03 10.88 -24.69
C THR D 56 -27.16 10.90 -23.43
N ASN D 57 -25.89 11.24 -23.59
CA ASN D 57 -24.95 11.33 -22.48
C ASN D 57 -24.75 10.02 -21.73
N ASN D 58 -25.23 8.92 -22.29
CA ASN D 58 -25.10 7.61 -21.66
C ASN D 58 -25.97 7.44 -20.40
N GLN D 59 -27.04 8.21 -20.33
CA GLN D 59 -27.92 8.17 -19.16
C GLN D 59 -28.78 6.91 -19.15
N CYS D 60 -29.54 6.72 -18.08
CA CYS D 60 -30.43 5.57 -17.96
C CYS D 60 -31.89 5.93 -18.22
N CYS D 61 -32.54 5.10 -19.05
CA CYS D 61 -33.94 5.30 -19.37
C CYS D 61 -34.80 4.47 -18.41
N SER D 62 -35.47 5.16 -17.48
CA SER D 62 -36.29 4.49 -16.48
C SER D 62 -37.41 3.68 -17.13
N GLN D 63 -38.05 2.84 -16.34
CA GLN D 63 -39.16 2.02 -16.84
C GLN D 63 -40.33 2.88 -17.30
N TYR D 64 -40.26 4.18 -17.01
CA TYR D 64 -41.33 5.10 -17.40
C TYR D 64 -40.89 5.99 -18.56
N GLY D 65 -39.80 5.61 -19.21
CA GLY D 65 -39.33 6.30 -20.39
C GLY D 65 -38.77 7.69 -20.10
N TYR D 66 -38.11 7.82 -18.95
CA TYR D 66 -37.46 9.07 -18.60
C TYR D 66 -35.96 8.84 -18.41
N CYS D 67 -35.15 9.78 -18.91
CA CYS D 67 -33.70 9.65 -18.82
C CYS D 67 -33.16 10.21 -17.51
N GLY D 68 -32.05 9.63 -17.04
CA GLY D 68 -31.40 10.15 -15.85
C GLY D 68 -30.45 9.16 -15.20
N PHE D 69 -30.07 9.45 -13.96
CA PHE D 69 -29.19 8.59 -13.19
C PHE D 69 -29.77 8.32 -11.80
N GLY D 70 -29.18 7.35 -11.09
CA GLY D 70 -29.66 6.98 -9.78
C GLY D 70 -30.51 5.71 -9.82
N ALA D 71 -30.73 5.12 -8.65
CA ALA D 71 -31.49 3.88 -8.56
C ALA D 71 -32.84 3.99 -9.27
N GLU D 72 -33.47 5.15 -9.18
CA GLU D 72 -34.75 5.38 -9.82
C GLU D 72 -34.67 5.30 -11.34
N TYR D 73 -33.46 5.18 -11.88
CA TYR D 73 -33.29 5.20 -13.33
C TYR D 73 -32.56 3.97 -13.89
N CYS D 74 -31.51 3.54 -13.20
CA CYS D 74 -30.73 2.39 -13.65
C CYS D 74 -31.09 1.15 -12.86
N GLY D 75 -32.06 1.28 -11.95
CA GLY D 75 -32.49 0.17 -11.13
C GLY D 75 -33.47 -0.73 -11.86
N ALA D 76 -34.23 -1.50 -11.10
CA ALA D 76 -35.22 -2.42 -11.67
C ALA D 76 -36.04 -1.73 -12.75
N GLY D 77 -36.28 -2.45 -13.85
CA GLY D 77 -37.08 -1.93 -14.94
C GLY D 77 -36.37 -0.89 -15.78
N CYS D 78 -35.05 -1.03 -15.89
CA CYS D 78 -34.28 -0.10 -16.72
C CYS D 78 -34.27 -0.54 -18.17
N GLN D 79 -34.88 0.27 -19.04
CA GLN D 79 -34.98 -0.05 -20.45
C GLN D 79 -33.99 0.75 -21.28
N GLY D 80 -32.73 0.33 -21.26
CA GLY D 80 -31.69 1.02 -22.00
C GLY D 80 -30.85 1.91 -21.10
N GLY D 81 -29.56 2.00 -21.40
CA GLY D 81 -28.64 2.78 -20.61
C GLY D 81 -27.72 1.87 -19.80
N PRO D 82 -26.84 2.46 -18.97
CA PRO D 82 -25.95 1.70 -18.10
C PRO D 82 -26.70 1.08 -16.93
N CYS D 83 -27.79 0.39 -17.22
CA CYS D 83 -28.62 -0.24 -16.20
C CYS D 83 -27.77 -1.05 -15.23
N ARG D 84 -28.26 -1.17 -14.00
CA ARG D 84 -27.52 -1.89 -12.96
C ARG D 84 -27.55 -3.39 -13.20
N ALA D 85 -28.64 -3.87 -13.79
CA ALA D 85 -28.76 -5.27 -14.13
C ALA D 85 -27.90 -5.61 -15.34
N ASP D 86 -27.28 -6.78 -15.33
CA ASP D 86 -26.51 -7.24 -16.48
C ASP D 86 -27.35 -7.23 -17.75
N ILE D 87 -26.77 -6.72 -18.82
CA ILE D 87 -27.47 -6.65 -20.10
C ILE D 87 -26.93 -7.67 -21.09
N LYS D 88 -27.72 -8.70 -21.38
CA LYS D 88 -27.31 -9.73 -22.32
C LYS D 88 -27.51 -9.26 -23.75
N CYS D 89 -26.72 -9.81 -24.67
CA CYS D 89 -26.75 -9.38 -26.06
C CYS D 89 -26.21 -10.48 -26.97
N GLY D 90 -26.37 -10.27 -28.27
CA GLY D 90 -25.86 -11.20 -29.26
C GLY D 90 -26.56 -12.54 -29.28
N SER D 91 -25.76 -13.61 -29.31
CA SER D 91 -26.27 -14.97 -29.38
C SER D 91 -27.27 -15.30 -28.27
N GLN D 92 -27.02 -14.81 -27.07
CA GLN D 92 -27.84 -15.16 -25.92
C GLN D 92 -29.05 -14.25 -25.72
N ALA D 93 -29.36 -13.44 -26.73
CA ALA D 93 -30.46 -12.48 -26.60
C ALA D 93 -31.17 -12.19 -27.92
N GLY D 94 -31.01 -13.11 -28.89
CA GLY D 94 -31.70 -13.00 -30.16
C GLY D 94 -31.11 -11.94 -31.08
N GLY D 95 -29.81 -12.00 -31.29
CA GLY D 95 -29.13 -11.07 -32.16
C GLY D 95 -28.96 -9.69 -31.55
N LYS D 96 -29.74 -9.42 -30.52
CA LYS D 96 -29.78 -8.11 -29.86
C LYS D 96 -28.41 -7.43 -29.80
N LEU D 97 -28.36 -6.19 -30.28
CA LEU D 97 -27.15 -5.39 -30.20
C LEU D 97 -27.14 -4.55 -28.92
N CYS D 98 -25.95 -4.23 -28.43
CA CYS D 98 -25.81 -3.39 -27.24
C CYS D 98 -26.14 -1.94 -27.57
N PRO D 99 -26.68 -1.21 -26.59
CA PRO D 99 -26.98 0.22 -26.76
C PRO D 99 -25.70 1.02 -26.87
N ASN D 100 -25.75 2.15 -27.57
CA ASN D 100 -24.61 3.05 -27.69
C ASN D 100 -23.29 2.33 -27.99
N ASN D 101 -23.32 1.43 -28.98
CA ASN D 101 -22.11 0.81 -29.48
C ASN D 101 -21.28 0.06 -28.45
N LEU D 102 -21.91 -0.36 -27.36
CA LEU D 102 -21.21 -1.15 -26.35
C LEU D 102 -20.79 -2.51 -26.90
N CYS D 103 -19.58 -2.94 -26.56
CA CYS D 103 -19.09 -4.24 -26.98
C CYS D 103 -19.83 -5.35 -26.28
N CYS D 104 -20.31 -6.32 -27.05
CA CYS D 104 -20.89 -7.53 -26.47
C CYS D 104 -19.80 -8.56 -26.29
N SER D 105 -19.48 -8.88 -25.05
CA SER D 105 -18.40 -9.81 -24.73
C SER D 105 -18.69 -11.21 -25.28
N GLN D 106 -17.72 -12.10 -25.15
CA GLN D 106 -17.89 -13.48 -25.57
C GLN D 106 -18.94 -14.18 -24.70
N TRP D 107 -19.06 -13.73 -23.45
CA TRP D 107 -20.00 -14.35 -22.52
C TRP D 107 -21.41 -13.81 -22.71
N GLY D 108 -21.57 -12.88 -23.64
CA GLY D 108 -22.89 -12.39 -24.02
C GLY D 108 -23.41 -11.22 -23.22
N PHE D 109 -22.50 -10.37 -22.73
CA PHE D 109 -22.91 -9.19 -21.98
C PHE D 109 -22.31 -7.91 -22.56
N CYS D 110 -23.12 -6.85 -22.59
CA CYS D 110 -22.67 -5.55 -23.07
C CYS D 110 -21.70 -4.89 -22.10
N GLY D 111 -20.93 -3.92 -22.59
CA GLY D 111 -19.99 -3.18 -21.76
C GLY D 111 -18.84 -2.57 -22.54
N LEU D 112 -17.96 -1.88 -21.81
CA LEU D 112 -16.76 -1.30 -22.40
C LEU D 112 -15.54 -1.64 -21.56
N GLY D 113 -14.45 -2.01 -22.23
CA GLY D 113 -13.25 -2.44 -21.55
C GLY D 113 -12.74 -3.74 -22.15
N SER D 114 -11.46 -4.01 -22.00
CA SER D 114 -10.84 -5.19 -22.60
C SER D 114 -11.68 -6.45 -22.41
N GLU D 115 -12.31 -6.59 -21.25
CA GLU D 115 -13.14 -7.76 -20.97
C GLU D 115 -14.29 -7.86 -21.96
N PHE D 116 -14.86 -6.73 -22.35
CA PHE D 116 -16.02 -6.70 -23.22
C PHE D 116 -15.68 -6.52 -24.69
N CYS D 117 -14.55 -5.88 -24.97
CA CYS D 117 -14.19 -5.54 -26.34
C CYS D 117 -13.00 -6.36 -26.85
N GLY D 118 -12.23 -6.91 -25.93
CA GLY D 118 -11.05 -7.69 -26.27
C GLY D 118 -11.40 -9.04 -26.89
N GLY D 119 -10.40 -9.92 -26.95
CA GLY D 119 -10.57 -11.23 -27.53
C GLY D 119 -11.93 -11.84 -27.24
N GLY D 120 -12.65 -12.20 -28.30
CA GLY D 120 -13.94 -12.85 -28.17
C GLY D 120 -15.10 -11.89 -28.35
N CYS D 121 -14.81 -10.60 -28.39
CA CYS D 121 -15.86 -9.60 -28.57
C CYS D 121 -16.72 -9.95 -29.77
N GLN D 122 -18.04 -9.90 -29.59
CA GLN D 122 -18.97 -10.28 -30.65
C GLN D 122 -19.44 -9.08 -31.47
N SER D 123 -19.62 -7.95 -30.81
CA SER D 123 -20.15 -6.77 -31.48
C SER D 123 -19.82 -5.49 -30.73
N GLY D 124 -20.24 -4.35 -31.28
CA GLY D 124 -19.98 -3.07 -30.68
C GLY D 124 -18.60 -2.54 -31.04
N ALA D 125 -18.06 -1.67 -30.18
CA ALA D 125 -16.76 -1.07 -30.42
C ALA D 125 -15.62 -2.02 -30.09
N CYS D 126 -15.67 -3.23 -30.63
CA CYS D 126 -14.67 -4.25 -30.35
C CYS D 126 -13.24 -3.74 -30.58
N SER D 127 -12.34 -4.10 -29.69
CA SER D 127 -10.94 -3.74 -29.84
C SER D 127 -10.31 -4.63 -30.90
N THR D 128 -10.87 -5.84 -31.06
CA THR D 128 -10.42 -6.76 -32.07
C THR D 128 -10.77 -6.22 -33.45
N ASP D 129 -9.81 -5.57 -34.08
CA ASP D 129 -10.04 -4.97 -35.40
C ASP D 129 -10.10 -6.07 -36.45
N LYS D 130 -11.20 -6.82 -36.42
CA LYS D 130 -11.40 -7.90 -37.39
C LYS D 130 -11.62 -7.31 -38.77
N PRO D 131 -10.82 -7.75 -39.75
CA PRO D 131 -10.89 -7.29 -41.14
C PRO D 131 -12.25 -7.57 -41.77
N CYS D 132 -12.56 -6.83 -42.82
CA CYS D 132 -13.80 -7.03 -43.57
C CYS D 132 -13.52 -6.84 -45.05
N GLY D 133 -14.57 -6.93 -45.87
CA GLY D 133 -14.44 -6.68 -47.29
C GLY D 133 -13.89 -7.84 -48.09
N LYS D 134 -13.46 -7.54 -49.31
CA LYS D 134 -13.01 -8.57 -50.26
C LYS D 134 -11.91 -9.46 -49.70
N ASP D 135 -10.85 -8.84 -49.17
CA ASP D 135 -9.69 -9.59 -48.71
C ASP D 135 -9.95 -10.39 -47.43
N ALA D 136 -11.08 -10.15 -46.80
CA ALA D 136 -11.45 -10.87 -45.59
C ALA D 136 -12.44 -12.00 -45.94
N GLY D 137 -12.52 -12.32 -47.22
CA GLY D 137 -13.42 -13.37 -47.67
C GLY D 137 -14.84 -12.88 -47.82
N GLY D 138 -15.01 -11.57 -47.93
CA GLY D 138 -16.32 -10.97 -48.09
C GLY D 138 -16.99 -10.66 -46.76
N ARG D 139 -16.25 -10.81 -45.67
CA ARG D 139 -16.79 -10.57 -44.34
C ARG D 139 -17.32 -9.14 -44.22
N VAL D 140 -18.50 -9.00 -43.61
CA VAL D 140 -19.09 -7.69 -43.40
C VAL D 140 -19.06 -7.31 -41.93
N CYS D 141 -19.42 -6.07 -41.63
CA CYS D 141 -19.32 -5.54 -40.28
C CYS D 141 -20.61 -5.73 -39.47
N THR D 142 -20.47 -5.71 -38.15
CA THR D 142 -21.62 -5.75 -37.26
C THR D 142 -22.14 -4.34 -37.09
N ASN D 143 -23.31 -4.20 -36.47
CA ASN D 143 -23.89 -2.88 -36.19
C ASN D 143 -24.11 -2.04 -37.43
N ASN D 144 -23.97 -2.66 -38.60
CA ASN D 144 -24.06 -1.94 -39.87
C ASN D 144 -22.95 -0.91 -39.99
N TYR D 145 -21.77 -1.28 -39.53
CA TYR D 145 -20.59 -0.42 -39.69
C TYR D 145 -20.12 -0.45 -41.14
N CYS D 146 -19.54 0.65 -41.60
CA CYS D 146 -19.00 0.73 -42.95
C CYS D 146 -17.66 0.02 -43.03
N CYS D 147 -17.45 -0.71 -44.13
CA CYS D 147 -16.21 -1.43 -44.34
C CYS D 147 -15.31 -0.68 -45.32
N SER D 148 -14.28 -0.04 -44.80
CA SER D 148 -13.39 0.79 -45.62
C SER D 148 -12.81 0.01 -46.80
N LYS D 149 -12.31 0.76 -47.78
CA LYS D 149 -11.69 0.17 -48.96
C LYS D 149 -10.50 -0.70 -48.58
N TRP D 150 -9.90 -0.42 -47.43
CA TRP D 150 -8.74 -1.17 -46.97
C TRP D 150 -9.14 -2.47 -46.26
N GLY D 151 -10.42 -2.57 -45.90
CA GLY D 151 -10.94 -3.79 -45.31
C GLY D 151 -11.01 -3.77 -43.79
N SER D 152 -11.29 -2.60 -43.22
CA SER D 152 -11.40 -2.46 -41.77
C SER D 152 -12.71 -1.79 -41.38
N CYS D 153 -13.38 -2.35 -40.38
CA CYS D 153 -14.69 -1.86 -39.96
C CYS D 153 -14.59 -0.61 -39.11
N GLY D 154 -15.57 0.28 -39.24
CA GLY D 154 -15.59 1.52 -38.48
C GLY D 154 -16.68 2.48 -38.91
N ILE D 155 -16.56 3.73 -38.48
CA ILE D 155 -17.49 4.78 -38.88
C ILE D 155 -16.73 6.08 -39.16
N GLY D 156 -17.11 6.77 -40.23
CA GLY D 156 -16.46 8.00 -40.61
C GLY D 156 -16.20 8.07 -42.09
N PRO D 157 -15.75 9.24 -42.58
CA PRO D 157 -15.49 9.48 -44.00
C PRO D 157 -14.55 8.43 -44.61
N GLY D 158 -13.51 8.06 -43.87
CA GLY D 158 -12.55 7.09 -44.36
C GLY D 158 -13.08 5.67 -44.29
N TYR D 159 -14.31 5.53 -43.82
CA TYR D 159 -14.93 4.21 -43.71
C TYR D 159 -16.19 4.10 -44.56
N CYS D 160 -16.96 5.18 -44.61
CA CYS D 160 -18.27 5.17 -45.26
C CYS D 160 -18.25 5.91 -46.60
N GLY D 161 -17.21 6.70 -46.84
CA GLY D 161 -17.09 7.46 -48.07
C GLY D 161 -16.73 6.59 -49.25
N ALA D 162 -15.79 7.08 -50.08
CA ALA D 162 -15.34 6.37 -51.26
C ALA D 162 -14.63 5.07 -50.89
N GLY D 163 -14.86 4.02 -51.68
CA GLY D 163 -14.22 2.74 -51.45
C GLY D 163 -14.99 1.86 -50.51
N CYS D 164 -15.98 2.43 -49.83
CA CYS D 164 -16.78 1.72 -48.86
C CYS D 164 -17.42 0.46 -49.47
N GLN D 165 -17.22 -0.68 -48.82
CA GLN D 165 -17.63 -1.96 -49.39
C GLN D 165 -18.99 -2.45 -48.89
N SER D 166 -19.29 -2.17 -47.63
CA SER D 166 -20.56 -2.60 -47.04
C SER D 166 -20.89 -1.82 -45.77
N GLY D 167 -22.02 -2.14 -45.16
CA GLY D 167 -22.51 -1.39 -44.01
C GLY D 167 -23.25 -0.15 -44.47
N GLY D 168 -23.49 0.78 -43.55
CA GLY D 168 -24.21 1.99 -43.86
C GLY D 168 -23.34 3.00 -44.60
N CYS D 169 -22.99 2.67 -45.84
CA CYS D 169 -22.09 3.50 -46.64
C CYS D 169 -22.73 4.81 -47.08
N ASP D 170 -21.92 5.84 -47.24
CA ASP D 170 -22.39 7.12 -47.75
C ASP D 170 -23.20 6.92 -49.01
N GLY D 171 -24.43 7.40 -49.01
CA GLY D 171 -25.30 7.28 -50.16
C GLY D 171 -24.81 8.07 -51.36
N DBB E 4 27.70 -32.77 29.01
CA DBB E 4 28.17 -33.34 27.75
C DBB E 4 29.67 -33.38 27.73
O DBB E 4 30.26 -34.44 27.78
CB DBB E 4 27.62 -34.76 27.60
CG DBB E 4 26.27 -34.89 28.28
N DBB E 5 30.28 -32.20 27.66
CA DBB E 5 31.73 -32.11 27.64
C DBB E 5 32.36 -33.37 27.11
O DBB E 5 32.46 -33.56 25.90
CB DBB E 5 32.16 -30.92 26.78
CG DBB E 5 32.70 -29.79 27.65
N DBB F 4 -8.59 -13.28 -14.15
CA DBB F 4 -9.59 -12.30 -14.52
C DBB F 4 -10.93 -12.81 -14.15
O DBB F 4 -11.44 -12.38 -13.14
CB DBB F 4 -9.40 -11.01 -13.73
CG DBB F 4 -8.22 -10.13 -14.16
N DBB F 5 -11.52 -13.71 -14.93
CA DBB F 5 -12.83 -14.25 -14.62
C DBB F 5 -13.29 -13.87 -13.24
O DBB F 5 -12.65 -14.11 -12.24
CB DBB F 5 -13.90 -13.76 -15.59
CG DBB F 5 -15.23 -14.50 -15.47
ND3 GYV G . 7.46 -10.96 43.01
C1A GYV G . 7.83 -10.91 41.74
O1A GYV G . 7.26 -10.18 40.99
O1 GYV G . 8.86 -11.73 41.16
C1 GYV G . 10.15 -11.21 41.14
O5 GYV G . 10.88 -12.23 41.79
C5 GYV G . 11.12 -13.44 41.08
C6 GYV G . 12.17 -14.29 41.77
O6 GYV G . 11.79 -14.67 43.07
C4 GYV G . 11.61 -13.14 39.70
O4 GYV G . 11.76 -14.31 38.95
C3 GYV G . 10.56 -12.31 39.08
O3 GYV G . 10.87 -12.22 37.71
C2 GYV G . 10.71 -11.02 39.76
N2 GYV G . 9.95 -10.14 38.90
C10 GYV G . 10.33 -8.90 38.68
O10 GYV G . 11.29 -8.44 39.19
C11 GYV G . 9.51 -8.06 37.78
CA DBB H . 7.21 -11.13 45.33
C DBB H . 7.92 -11.74 44.13
CB DBB H . 6.69 -12.17 46.30
ND3 GYV I . 15.58 16.95 22.81
C1A GYV I . 14.46 16.88 23.51
O1A GYV I . 13.58 17.74 23.46
O1 GYV I . 14.25 15.73 24.37
C1 GYV I . 13.95 16.06 25.72
O5 GYV I . 12.53 15.96 25.91
C5 GYV I . 11.96 15.16 26.98
C6 GYV I . 11.65 16.07 28.17
O6 GYV I . 10.30 16.52 28.07
C4 GYV I . 12.78 13.96 27.42
O4 GYV I . 11.94 12.78 27.40
C3 GYV I . 13.98 13.74 26.53
O3 GYV I . 14.81 12.70 27.05
C2 GYV I . 14.71 15.07 26.58
N2 GYV I . 16.00 14.84 25.94
C10 GYV I . 17.03 15.66 26.16
O10 GYV I . 16.94 16.60 26.92
C11 GYV I . 18.29 15.32 25.42
CA DBB J . 17.51 17.72 21.72
C DBB J . 16.01 17.99 21.89
CB DBB J . 18.10 18.59 20.62
C1 GOL K . 17.22 5.40 31.30
O1 GOL K . 16.68 4.25 30.68
C2 GOL K . 16.18 6.52 31.23
O2 GOL K . 15.14 6.24 32.13
C3 GOL K . 16.83 7.84 31.63
O3 GOL K . 16.23 8.33 32.80
ND3 GYV L . 19.19 14.02 13.42
C1A GYV L . 18.96 13.75 14.70
O1A GYV L . 17.83 13.67 15.15
O1 GYV L . 20.09 13.55 15.59
C1 GYV L . 20.74 12.33 15.28
O5 GYV L . 21.77 12.65 14.33
C5 GYV L . 22.96 13.23 14.89
C6 GYV L . 23.96 13.52 13.77
O6 GYV L . 23.45 14.58 12.94
C4 GYV L . 23.55 12.32 15.95
O4 GYV L . 24.78 12.88 16.44
C3 GYV L . 22.56 12.16 17.09
O3 GYV L . 23.09 11.25 18.05
C2 GYV L . 21.24 11.63 16.54
N2 GYV L . 20.23 11.91 17.55
C10 GYV L . 19.10 11.19 17.59
O10 GYV L . 18.90 10.28 16.80
C11 GYV L . 18.13 11.57 18.66
CA DBB M . 18.76 13.52 11.17
C DBB M . 18.20 14.24 12.38
CB DBB M . 17.63 13.08 10.24
ND3 GYV N . 1.78 -7.38 33.55
C1A GYV N . 1.49 -7.20 32.27
O1A GYV N . 0.36 -6.91 31.89
O1 GYV N . 2.55 -7.35 31.27
C1 GYV N . 2.07 -7.64 29.96
O5 GYV N . 1.31 -6.54 29.47
C5 GYV N . 2.02 -5.32 29.21
C6 GYV N . 1.10 -4.38 28.44
O6 GYV N . -0.15 -4.27 29.13
C4 GYV N . 3.33 -5.54 28.43
O4 GYV N . 4.09 -4.32 28.48
C3 GYV N . 4.15 -6.66 29.01
O3 GYV N . 5.29 -6.90 28.18
C2 GYV N . 3.30 -7.91 29.10
N2 GYV N . 4.07 -8.86 29.87
C10 GYV N . 4.93 -9.70 29.29
O10 GYV N . 5.11 -9.71 28.09
C11 GYV N . 5.66 -10.63 30.22
CA DBB O . 1.63 -7.96 35.83
C DBB O . 0.88 -7.28 34.69
CB DBB O . 0.74 -8.12 37.05
C1 GOL P . 29.04 -23.20 8.25
O1 GOL P . 30.42 -23.45 8.44
C2 GOL P . 28.77 -21.70 8.35
O2 GOL P . 27.59 -21.38 7.66
C3 GOL P . 28.64 -21.28 9.81
O3 GOL P . 29.32 -20.07 10.01
ND3 GYV Q . -37.09 7.77 -2.02
C1A GYV Q . -35.86 7.68 -1.53
O1A GYV Q . -35.57 8.02 -0.38
O1 GYV Q . -34.82 7.14 -2.38
C1 GYV Q . -33.49 7.48 -2.01
O5 GYV Q . -33.00 6.46 -1.12
C5 GYV Q . -32.68 5.17 -1.69
C6 GYV Q . -31.82 4.41 -0.69
O6 GYV Q . -32.44 4.43 0.60
C4 GYV Q . -31.97 5.24 -3.04
O4 GYV Q . -31.95 3.94 -3.65
C3 GYV Q . -32.66 6.21 -3.99
O3 GYV Q . -31.96 6.29 -5.23
C2 GYV Q . -32.68 7.57 -3.30
N2 GYV Q . -33.44 8.43 -4.17
C10 GYV Q . -33.20 9.75 -4.19
O10 GYV Q . -32.36 10.25 -3.49
C11 GYV Q . -34.05 10.56 -5.12
CA DBB R . -39.38 8.09 -2.48
C DBB R . -38.31 8.27 -1.40
CB DBB R . -40.77 8.12 -1.89
ND3 GYV S . -26.02 33.95 -28.83
C1A GYV S . -26.25 33.20 -27.76
O1A GYV S . -27.35 32.70 -27.55
O1 GYV S . -25.18 32.98 -26.79
C1 GYV S . -24.45 31.80 -27.14
O5 GYV S . -23.43 32.20 -28.07
C5 GYV S . -22.24 32.79 -27.53
C6 GYV S . -21.25 33.04 -28.67
O6 GYV S . -21.88 33.86 -29.66
C4 GYV S . -21.62 31.88 -26.47
O4 GYV S . -20.42 32.47 -25.96
C3 GYV S . -22.60 31.68 -25.34
O3 GYV S . -22.05 30.76 -24.40
C2 GYV S . -23.91 31.11 -25.88
N2 GYV S . -24.92 31.39 -24.87
C10 GYV S . -26.01 30.62 -24.76
O10 GYV S . -26.20 29.65 -25.49
C11 GYV S . -26.98 31.00 -23.68
CA DBB T . -26.12 34.92 -30.98
C DBB T . -26.97 34.27 -29.89
CB DBB T . -26.97 35.31 -32.18
ND3 GYV U . -41.74 10.89 -9.15
C1A GYV U . -41.90 10.48 -10.42
O1A GYV U . -42.90 9.87 -10.78
O1 GYV U . -40.87 10.77 -11.40
C1 GYV U . -41.21 10.28 -12.71
O5 GYV U . -42.19 11.13 -13.28
C5 GYV U . -41.81 12.48 -13.54
C6 GYV U . -42.87 13.11 -14.43
O6 GYV U . -44.13 12.45 -14.21
C4 GYV U . -40.43 12.63 -14.20
O4 GYV U . -39.99 13.97 -14.02
C3 GYV U . -39.39 11.69 -13.64
O3 GYV U . -38.23 11.71 -14.48
C2 GYV U . -39.95 10.28 -13.55
N2 GYV U . -38.98 9.53 -12.76
C10 GYV U . -38.25 8.56 -13.30
O10 GYV U . -38.36 8.25 -14.48
C11 GYV U . -37.31 7.86 -12.37
CA DBB V . -41.94 11.17 -6.80
C DBB V . -42.66 10.68 -8.05
CB DBB V . -42.73 10.86 -5.55
C1 GOL W . -13.97 -3.25 -34.45
O1 GOL W . -13.24 -3.64 -35.60
C2 GOL W . -14.36 -1.78 -34.57
O2 GOL W . -15.43 -1.67 -35.49
C3 GOL W . -14.81 -1.26 -33.22
O3 GOL W . -14.20 -0.02 -32.96
ND3 GYV X . 25.52 -33.66 28.13
C1A GYV X . 24.56 -33.43 27.21
O1A GYV X . 24.22 -34.29 26.39
O1 GYV X . 23.88 -32.14 27.15
C1 GYV X . 22.87 -32.03 26.11
O5 GYV X . 21.60 -32.55 26.56
C5 GYV X . 20.99 -31.85 27.65
C6 GYV X . 19.57 -32.40 27.77
O6 GYV X . 19.54 -33.44 28.75
C4 GYV X . 20.95 -30.32 27.51
O4 GYV X . 20.86 -29.75 28.82
C3 GYV X . 22.15 -29.71 26.78
O3 GYV X . 21.76 -28.44 26.25
C2 GYV X . 22.62 -30.59 25.64
N2 GYV X . 23.90 -30.11 25.14
C10 GYV X . 24.10 -29.81 23.85
O10 GYV X . 23.22 -29.92 23.02
C11 GYV X . 25.47 -29.33 23.50
ND3 GYV Y . 32.85 -28.60 26.84
C1A GYV Y . 33.40 -27.56 27.46
O1A GYV Y . 33.78 -27.56 28.62
O1 GYV Y . 33.58 -26.32 26.71
C1 GYV Y . 34.18 -25.25 27.43
O5 GYV Y . 35.58 -25.19 27.09
C5 GYV Y . 35.87 -24.89 25.71
C6 GYV Y . 37.37 -24.69 25.57
O6 GYV Y . 38.04 -25.76 26.25
C4 GYV Y . 35.13 -23.66 25.16
O4 GYV Y . 35.13 -23.69 23.74
C3 GYV Y . 33.66 -23.62 25.58
O3 GYV Y . 33.13 -22.33 25.25
C2 GYV Y . 33.56 -23.88 27.07
N2 GYV Y . 32.14 -23.89 27.39
C10 GYV Y . 31.67 -23.04 28.29
O10 GYV Y . 32.39 -22.23 28.86
C11 GYV Y . 30.20 -23.08 28.58
ND3 GYV Z . -8.64 -8.99 -14.93
C1A GYV Z . -8.27 -7.70 -14.76
O1A GYV Z . -7.49 -7.35 -13.89
O1 GYV Z . -8.80 -6.66 -15.63
C1 GYV Z . -8.32 -5.34 -15.35
O5 GYV Z . -6.97 -5.18 -15.78
C5 GYV Z . -6.75 -4.97 -17.18
C6 GYV Z . -5.30 -4.58 -17.27
O6 GYV Z . -4.55 -5.79 -17.35
C4 GYV Z . -7.65 -3.91 -17.79
O4 GYV Z . -7.66 -4.12 -19.19
C3 GYV Z . -9.08 -4.11 -17.41
O3 GYV Z . -9.85 -2.99 -17.81
C2 GYV Z . -9.15 -4.20 -15.91
N2 GYV Z . -10.51 -4.54 -15.62
C10 GYV Z . -11.19 -3.68 -14.90
O10 GYV Z . -10.68 -2.66 -14.53
C11 GYV Z . -12.60 -4.00 -14.59
ND3 GYV AA . -16.33 -13.61 -15.10
C1A GYV AA . -17.34 -13.59 -15.92
O1A GYV AA . -17.45 -14.21 -16.91
O1 GYV AA . -18.50 -12.78 -15.68
C1 GYV AA . -19.48 -12.87 -16.67
O5 GYV AA . -20.62 -13.37 -16.01
C5 GYV AA . -21.55 -12.50 -15.33
C6 GYV AA . -22.94 -13.10 -15.44
O6 GYV AA . -23.30 -13.74 -14.23
C4 GYV AA . -21.58 -11.06 -15.82
O4 GYV AA . -22.08 -10.16 -14.85
C3 GYV AA . -20.18 -10.66 -16.00
O3 GYV AA . -20.24 -9.28 -16.26
C2 GYV AA . -19.80 -11.49 -17.19
N2 GYV AA . -18.60 -10.89 -17.71
C10 GYV AA . -18.48 -10.52 -18.97
O10 GYV AA . -19.36 -10.66 -19.74
C11 GYV AA . -17.20 -9.94 -19.40
#